data_9MDG
# 
_entry.id   9MDG 
# 
_audit_conform.dict_name       mmcif_pdbx.dic 
_audit_conform.dict_version    5.403 
_audit_conform.dict_location   http://mmcif.pdb.org/dictionaries/ascii/mmcif_pdbx.dic 
# 
loop_
_database_2.database_id 
_database_2.database_code 
_database_2.pdbx_database_accession 
_database_2.pdbx_DOI 
PDB   9MDG         pdb_00009mdg 10.2210/pdb9mdg/pdb 
WWPDB D_1000289606 ?            ?                   
# 
loop_
_pdbx_audit_revision_history.ordinal 
_pdbx_audit_revision_history.data_content_type 
_pdbx_audit_revision_history.major_revision 
_pdbx_audit_revision_history.minor_revision 
_pdbx_audit_revision_history.revision_date 
_pdbx_audit_revision_history.part_number 
1 'Structure model' 1 0 2025-05-21 ? 
2 'Structure model' 1 1 2025-06-04 ? 
# 
_pdbx_audit_revision_details.ordinal             1 
_pdbx_audit_revision_details.revision_ordinal    1 
_pdbx_audit_revision_details.data_content_type   'Structure model' 
_pdbx_audit_revision_details.provider            repository 
_pdbx_audit_revision_details.type                'Initial release' 
_pdbx_audit_revision_details.description         ? 
_pdbx_audit_revision_details.details             ? 
# 
_pdbx_audit_revision_group.ordinal             1 
_pdbx_audit_revision_group.revision_ordinal    2 
_pdbx_audit_revision_group.data_content_type   'Structure model' 
_pdbx_audit_revision_group.group               'Database references' 
# 
loop_
_pdbx_audit_revision_category.ordinal 
_pdbx_audit_revision_category.revision_ordinal 
_pdbx_audit_revision_category.data_content_type 
_pdbx_audit_revision_category.category 
1 2 'Structure model' citation        
2 2 'Structure model' citation_author 
# 
loop_
_pdbx_audit_revision_item.ordinal 
_pdbx_audit_revision_item.revision_ordinal 
_pdbx_audit_revision_item.data_content_type 
_pdbx_audit_revision_item.item 
1 2 'Structure model' '_citation.journal_volume'          
2 2 'Structure model' '_citation.page_first'              
3 2 'Structure model' '_citation.page_last'               
4 2 'Structure model' '_citation_author.identifier_ORCID' 
# 
_pdbx_database_status.status_code                     REL 
_pdbx_database_status.status_code_sf                  REL 
_pdbx_database_status.status_code_mr                  ? 
_pdbx_database_status.entry_id                        9MDG 
_pdbx_database_status.recvd_initial_deposition_date   2024-12-05 
_pdbx_database_status.SG_entry                        N 
_pdbx_database_status.deposit_site                    RCSB 
_pdbx_database_status.process_site                    RCSB 
_pdbx_database_status.status_code_cs                  ? 
_pdbx_database_status.status_code_nmr_data            ? 
_pdbx_database_status.methods_development_category    ? 
_pdbx_database_status.pdb_format_compatible           Y 
# 
_pdbx_contact_author.id                 2 
_pdbx_contact_author.email              andyn@uic.edu 
_pdbx_contact_author.name_first         Andy 
_pdbx_contact_author.name_last          Nguyen 
_pdbx_contact_author.name_mi            I 
_pdbx_contact_author.role               'principal investigator/group leader' 
_pdbx_contact_author.identifier_ORCID   0000-0003-4137-6453 
# 
_audit_author.name               'Richardson-Matthews, R.M.' 
_audit_author.pdbx_ordinal       1 
_audit_author.identifier_ORCID   0000-0002-5871-0908 
# 
_citation.abstract                  ? 
_citation.abstract_id_CAS           ? 
_citation.book_id_ISBN              ? 
_citation.book_publisher            ? 
_citation.book_publisher_city       ? 
_citation.book_title                ? 
_citation.coordinate_linkage        ? 
_citation.country                   US 
_citation.database_id_Medline       ? 
_citation.details                   ? 
_citation.id                        primary 
_citation.journal_abbrev            J.Am.Chem.Soc. 
_citation.journal_id_ASTM           JACSAT 
_citation.journal_id_CSD            ? 
_citation.journal_id_ISSN           1520-5126 
_citation.journal_full              ? 
_citation.journal_issue             ? 
_citation.journal_volume            147 
_citation.language                  ? 
_citation.page_first                17433 
_citation.page_last                 17447 
_citation.title                     'Metal-alpha-Helix Peptide Frameworks.' 
_citation.year                      2025 
_citation.database_id_CSD           ? 
_citation.pdbx_database_id_DOI      10.1021/jacs.5c04078 
_citation.pdbx_database_id_PubMed   40328673 
_citation.pdbx_database_id_patent   ? 
_citation.unpublished_flag          ? 
# 
loop_
_citation_author.citation_id 
_citation_author.name 
_citation_author.ordinal 
_citation_author.identifier_ORCID 
primary 'Richardson-Matthews, R.' 1 ? 
primary 'Velko, K.'               2 ? 
primary 'Bhunia, B.'              3 ? 
primary 'Ghosh, S.'               4 ? 
primary 'Oktawiec, J.'            5 ? 
primary 'Brunzelle, J.S.'         6 ? 
primary 'Dang, V.T.'              7 ? 
primary 'Nguyen, A.I.'            8 ? 
# 
loop_
_entity.id 
_entity.type 
_entity.src_method 
_entity.pdbx_description 
_entity.formula_weight 
_entity.pdbx_number_of_molecules 
_entity.pdbx_ec 
_entity.pdbx_mutation 
_entity.pdbx_fragment 
_entity.details 
1 polymer     syn 'Co-MAHF-9 A8L'   1017.267 2  ? ? ? ? 
2 non-polymer syn 'COBALT (II) ION' 58.933   2  ? ? ? ? 
3 non-polymer syn METHANOL          32.042   1  ? ? ? ? 
4 water       nat water             18.015   14 ? ? ? ? 
# 
_entity_poly.entity_id                      1 
_entity_poly.type                           'polypeptide(L)' 
_entity_poly.nstd_linkage                   no 
_entity_poly.nstd_monomer                   yes 
_entity_poly.pdbx_seq_one_letter_code       '(ACE)L(AIB)E(AIB)LHL(AIB)L(NH2)' 
_entity_poly.pdbx_seq_one_letter_code_can   XLAEALHLALX 
_entity_poly.pdbx_strand_id                 A,B 
_entity_poly.pdbx_target_identifier         ? 
# 
loop_
_pdbx_entity_nonpoly.entity_id 
_pdbx_entity_nonpoly.name 
_pdbx_entity_nonpoly.comp_id 
2 'COBALT (II) ION' CO  
3 METHANOL          MOH 
4 water             HOH 
# 
loop_
_entity_poly_seq.entity_id 
_entity_poly_seq.num 
_entity_poly_seq.mon_id 
_entity_poly_seq.hetero 
1 1  ACE n 
1 2  LEU n 
1 3  AIB n 
1 4  GLU n 
1 5  AIB n 
1 6  LEU n 
1 7  HIS n 
1 8  LEU n 
1 9  AIB n 
1 10 LEU n 
1 11 NH2 n 
# 
_pdbx_entity_src_syn.entity_id              1 
_pdbx_entity_src_syn.pdbx_src_id            1 
_pdbx_entity_src_syn.pdbx_alt_source_flag   sample 
_pdbx_entity_src_syn.pdbx_beg_seq_num       1 
_pdbx_entity_src_syn.pdbx_end_seq_num       11 
_pdbx_entity_src_syn.organism_scientific    'synthetic construct' 
_pdbx_entity_src_syn.organism_common_name   ? 
_pdbx_entity_src_syn.ncbi_taxonomy_id       32630 
_pdbx_entity_src_syn.details                ? 
# 
loop_
_chem_comp.id 
_chem_comp.type 
_chem_comp.mon_nstd_flag 
_chem_comp.name 
_chem_comp.pdbx_synonyms 
_chem_comp.formula 
_chem_comp.formula_weight 
ACE non-polymer         . 'ACETYL GROUP'               ? 'C2 H4 O'        44.053  
AIB 'L-peptide linking' n 'ALPHA-AMINOISOBUTYRIC ACID' ? 'C4 H9 N O2'     103.120 
CO  non-polymer         . 'COBALT (II) ION'            ? 'Co 2'           58.933  
GLU 'L-peptide linking' y 'GLUTAMIC ACID'              ? 'C5 H9 N O4'     147.129 
HIS 'L-peptide linking' y HISTIDINE                    ? 'C6 H10 N3 O2 1' 156.162 
HOH non-polymer         . WATER                        ? 'H2 O'           18.015  
LEU 'L-peptide linking' y LEUCINE                      ? 'C6 H13 N O2'    131.173 
MOH non-polymer         . METHANOL                     ? 'C H4 O'         32.042  
NH2 non-polymer         . 'AMINO GROUP'                ? 'H2 N'           16.023  
# 
loop_
_pdbx_poly_seq_scheme.asym_id 
_pdbx_poly_seq_scheme.entity_id 
_pdbx_poly_seq_scheme.seq_id 
_pdbx_poly_seq_scheme.mon_id 
_pdbx_poly_seq_scheme.ndb_seq_num 
_pdbx_poly_seq_scheme.pdb_seq_num 
_pdbx_poly_seq_scheme.auth_seq_num 
_pdbx_poly_seq_scheme.pdb_mon_id 
_pdbx_poly_seq_scheme.auth_mon_id 
_pdbx_poly_seq_scheme.pdb_strand_id 
_pdbx_poly_seq_scheme.pdb_ins_code 
_pdbx_poly_seq_scheme.hetero 
A 1 1  ACE 1  1  1  ACE ACY A . n 
A 1 2  LEU 2  2  2  LEU LEU A . n 
A 1 3  AIB 3  3  3  AIB AIB A . n 
A 1 4  GLU 4  4  4  GLU GLU A . n 
A 1 5  AIB 5  5  5  AIB AIB A . n 
A 1 6  LEU 6  6  6  LEU LEU A . n 
A 1 7  HIS 7  7  7  HIS HIS A . n 
A 1 8  LEU 8  8  8  LEU LEU A . n 
A 1 9  AIB 9  9  9  AIB AIB A . n 
A 1 10 LEU 10 10 10 LEU LEU A . n 
A 1 11 NH2 11 11 11 NH2 NH3 A . n 
B 1 1  ACE 1  1  1  ACE ACY B . n 
B 1 2  LEU 2  2  2  LEU LEU B . n 
B 1 3  AIB 3  3  3  AIB AIB B . n 
B 1 4  GLU 4  4  4  GLU GLU B . n 
B 1 5  AIB 5  5  5  AIB AIB B . n 
B 1 6  LEU 6  6  6  LEU LEU B . n 
B 1 7  HIS 7  7  7  HIS HIS B . n 
B 1 8  LEU 8  8  8  LEU LEU B . n 
B 1 9  AIB 9  9  9  AIB AIB B . n 
B 1 10 LEU 10 10 10 LEU LEU B . n 
B 1 11 NH2 11 11 11 NH2 NH3 B . n 
# 
loop_
_pdbx_nonpoly_scheme.asym_id 
_pdbx_nonpoly_scheme.entity_id 
_pdbx_nonpoly_scheme.mon_id 
_pdbx_nonpoly_scheme.ndb_seq_num 
_pdbx_nonpoly_scheme.pdb_seq_num 
_pdbx_nonpoly_scheme.auth_seq_num 
_pdbx_nonpoly_scheme.pdb_mon_id 
_pdbx_nonpoly_scheme.auth_mon_id 
_pdbx_nonpoly_scheme.pdb_strand_id 
_pdbx_nonpoly_scheme.pdb_ins_code 
C 2 CO  1 101 1  CO  CO  A . 
D 2 CO  1 102 2  CO  CO  A . 
E 3 MOH 1 101 15 MOH MOH B . 
F 4 HOH 1 201 12 HOH HOH A . 
F 4 HOH 2 202 11 HOH HOH A . 
F 4 HOH 3 203 7  HOH HOH A . 
F 4 HOH 4 204 13 HOH HOH A . 
F 4 HOH 5 205 4  HOH HOH A . 
G 4 HOH 1 201 1  HOH HOH B . 
G 4 HOH 2 202 9  HOH HOH B . 
G 4 HOH 3 203 6  HOH HOH B . 
G 4 HOH 4 204 8  HOH HOH B . 
G 4 HOH 5 205 14 HOH HOH B . 
G 4 HOH 6 206 10 HOH HOH B . 
G 4 HOH 7 207 2  HOH HOH B . 
G 4 HOH 8 208 5  HOH HOH B . 
G 4 HOH 9 209 3  HOH HOH B . 
# 
loop_
_software.citation_id 
_software.classification 
_software.compiler_name 
_software.compiler_version 
_software.contact_author 
_software.contact_author_email 
_software.date 
_software.description 
_software.dependencies 
_software.hardware 
_software.language 
_software.location 
_software.mods 
_software.name 
_software.os 
_software.os_version 
_software.type 
_software.version 
_software.pdbx_ordinal 
? refinement       ? ? ? ? ? ? ? ? ? ? ? PHENIX ? ? ? 1.20.1_4487 1 
? 'data reduction' ? ? ? ? ? ? ? ? ? ? ? XDS    ? ? ? .           2 
? 'data scaling'   ? ? ? ? ? ? ? ? ? ? ? XDS    ? ? ? .           3 
? phasing          ? ? ? ? ? ? ? ? ? ? ? PHASER ? ? ? .           4 
# 
_cell.angle_alpha                  90.000 
_cell.angle_alpha_esd              ? 
_cell.angle_beta                   101.080 
_cell.angle_beta_esd               ? 
_cell.angle_gamma                  90.000 
_cell.angle_gamma_esd              ? 
_cell.entry_id                     9MDG 
_cell.details                      ? 
_cell.formula_units_Z              ? 
_cell.length_a                     48.315 
_cell.length_a_esd                 ? 
_cell.length_b                     16.450 
_cell.length_b_esd                 ? 
_cell.length_c                     17.586 
_cell.length_c_esd                 ? 
_cell.volume                       13716.497 
_cell.volume_esd                   ? 
_cell.Z_PDB                        8 
_cell.reciprocal_angle_alpha       ? 
_cell.reciprocal_angle_beta        ? 
_cell.reciprocal_angle_gamma       ? 
_cell.reciprocal_angle_alpha_esd   ? 
_cell.reciprocal_angle_beta_esd    ? 
_cell.reciprocal_angle_gamma_esd   ? 
_cell.reciprocal_length_a          ? 
_cell.reciprocal_length_b          ? 
_cell.reciprocal_length_c          ? 
_cell.reciprocal_length_a_esd      ? 
_cell.reciprocal_length_b_esd      ? 
_cell.reciprocal_length_c_esd      ? 
_cell.pdbx_unique_axis             ? 
_cell.pdbx_esd_method              ? 
# 
_symmetry.entry_id                         9MDG 
_symmetry.cell_setting                     ? 
_symmetry.Int_Tables_number                5 
_symmetry.space_group_name_Hall            'C 2y' 
_symmetry.space_group_name_H-M             'C 1 2 1' 
_symmetry.pdbx_full_space_group_name_H-M   ? 
# 
_exptl.absorpt_coefficient_mu     ? 
_exptl.absorpt_correction_T_max   ? 
_exptl.absorpt_correction_T_min   ? 
_exptl.absorpt_correction_type    ? 
_exptl.absorpt_process_details    ? 
_exptl.entry_id                   9MDG 
_exptl.crystals_number            1 
_exptl.details                    ? 
_exptl.method                     'X-RAY DIFFRACTION' 
_exptl.method_details             ? 
# 
_exptl_crystal.colour                       ? 
_exptl_crystal.density_diffrn               ? 
_exptl_crystal.density_Matthews             1.66 
_exptl_crystal.density_method               ? 
_exptl_crystal.density_percent_sol          25.80 
_exptl_crystal.description                  ? 
_exptl_crystal.F_000                        ? 
_exptl_crystal.id                           1 
_exptl_crystal.preparation                  ? 
_exptl_crystal.size_max                     ? 
_exptl_crystal.size_mid                     ? 
_exptl_crystal.size_min                     ? 
_exptl_crystal.size_rad                     ? 
_exptl_crystal.colour_lustre                ? 
_exptl_crystal.colour_modifier              ? 
_exptl_crystal.colour_primary               ? 
_exptl_crystal.density_meas                 ? 
_exptl_crystal.density_meas_esd             ? 
_exptl_crystal.density_meas_gt              ? 
_exptl_crystal.density_meas_lt              ? 
_exptl_crystal.density_meas_temp            ? 
_exptl_crystal.density_meas_temp_esd        ? 
_exptl_crystal.density_meas_temp_gt         ? 
_exptl_crystal.density_meas_temp_lt         ? 
_exptl_crystal.pdbx_crystal_image_url       ? 
_exptl_crystal.pdbx_crystal_image_format    ? 
_exptl_crystal.pdbx_mosaicity               ? 
_exptl_crystal.pdbx_mosaicity_esd           ? 
_exptl_crystal.pdbx_mosaic_method           ? 
_exptl_crystal.pdbx_mosaic_block_size       ? 
_exptl_crystal.pdbx_mosaic_block_size_esd   ? 
# 
_exptl_crystal_grow.apparatus       ? 
_exptl_crystal_grow.atmosphere      ? 
_exptl_crystal_grow.crystal_id      1 
_exptl_crystal_grow.details         ? 
_exptl_crystal_grow.method          'SLOW COOLING' 
_exptl_crystal_grow.method_ref      ? 
_exptl_crystal_grow.pH              ? 
_exptl_crystal_grow.pressure        ? 
_exptl_crystal_grow.pressure_esd    ? 
_exptl_crystal_grow.seeding         ? 
_exptl_crystal_grow.seeding_ref     ? 
_exptl_crystal_grow.temp_details    ? 
_exptl_crystal_grow.temp_esd        ? 
_exptl_crystal_grow.time            ? 
_exptl_crystal_grow.pdbx_details    'water, acetonitrile, cobalt acetate, sodium hydroxide, methanol' 
_exptl_crystal_grow.pdbx_pH_range   ? 
_exptl_crystal_grow.temp            298 
# 
_diffrn.ambient_environment              ? 
_diffrn.ambient_temp                     100 
_diffrn.ambient_temp_details             ? 
_diffrn.ambient_temp_esd                 ? 
_diffrn.crystal_id                       1 
_diffrn.crystal_support                  ? 
_diffrn.crystal_treatment                ? 
_diffrn.details                          ? 
_diffrn.id                               1 
_diffrn.ambient_pressure                 ? 
_diffrn.ambient_pressure_esd             ? 
_diffrn.ambient_pressure_gt              ? 
_diffrn.ambient_pressure_lt              ? 
_diffrn.ambient_temp_gt                  ? 
_diffrn.ambient_temp_lt                  ? 
_diffrn.pdbx_serial_crystal_experiment   N 
# 
_diffrn_detector.details                      ? 
_diffrn_detector.detector                     PIXEL 
_diffrn_detector.diffrn_id                    1 
_diffrn_detector.type                         'DECTRIS EIGER X 16M' 
_diffrn_detector.area_resol_mean              ? 
_diffrn_detector.dtime                        ? 
_diffrn_detector.pdbx_frames_total            ? 
_diffrn_detector.pdbx_collection_time_total   ? 
_diffrn_detector.pdbx_collection_date         2022-10-28 
_diffrn_detector.pdbx_frequency               ? 
_diffrn_detector.id                           ? 
_diffrn_detector.number_of_axes               ? 
# 
_diffrn_radiation.collimation                      ? 
_diffrn_radiation.diffrn_id                        1 
_diffrn_radiation.filter_edge                      ? 
_diffrn_radiation.inhomogeneity                    ? 
_diffrn_radiation.monochromator                    ? 
_diffrn_radiation.polarisn_norm                    ? 
_diffrn_radiation.polarisn_ratio                   ? 
_diffrn_radiation.probe                            ? 
_diffrn_radiation.type                             ? 
_diffrn_radiation.xray_symbol                      ? 
_diffrn_radiation.wavelength_id                    1 
_diffrn_radiation.pdbx_monochromatic_or_laue_m_l   M 
_diffrn_radiation.pdbx_wavelength_list             ? 
_diffrn_radiation.pdbx_wavelength                  ? 
_diffrn_radiation.pdbx_diffrn_protocol             'SINGLE WAVELENGTH' 
_diffrn_radiation.pdbx_analyzer                    ? 
_diffrn_radiation.pdbx_scattering_type             x-ray 
# 
_diffrn_radiation_wavelength.id           1 
_diffrn_radiation_wavelength.wavelength   0.619920 
_diffrn_radiation_wavelength.wt           1.0 
# 
_diffrn_source.current                     ? 
_diffrn_source.details                     ? 
_diffrn_source.diffrn_id                   1 
_diffrn_source.power                       ? 
_diffrn_source.size                        ? 
_diffrn_source.source                      SYNCHROTRON 
_diffrn_source.target                      ? 
_diffrn_source.type                        'APS BEAMLINE 21-ID-D' 
_diffrn_source.voltage                     ? 
_diffrn_source.take-off_angle              ? 
_diffrn_source.pdbx_wavelength_list        0.619920 
_diffrn_source.pdbx_wavelength             ? 
_diffrn_source.pdbx_synchrotron_beamline   21-ID-D 
_diffrn_source.pdbx_synchrotron_site       APS 
# 
_reflns.B_iso_Wilson_estimate                          13.36 
_reflns.entry_id                                       9MDG 
_reflns.data_reduction_details                         ? 
_reflns.data_reduction_method                          ? 
_reflns.d_resolution_high                              1.41 
_reflns.d_resolution_low                               17.26 
_reflns.details                                        ? 
_reflns.limit_h_max                                    ? 
_reflns.limit_h_min                                    ? 
_reflns.limit_k_max                                    ? 
_reflns.limit_k_min                                    ? 
_reflns.limit_l_max                                    ? 
_reflns.limit_l_min                                    ? 
_reflns.number_all                                     ? 
_reflns.number_obs                                     2652 
_reflns.observed_criterion                             ? 
_reflns.observed_criterion_F_max                       ? 
_reflns.observed_criterion_F_min                       ? 
_reflns.observed_criterion_I_max                       ? 
_reflns.observed_criterion_I_min                       ? 
_reflns.observed_criterion_sigma_F                     ? 
_reflns.observed_criterion_sigma_I                     ? 
_reflns.percent_possible_obs                           97.21 
_reflns.R_free_details                                 ? 
_reflns.Rmerge_F_all                                   ? 
_reflns.Rmerge_F_obs                                   ? 
_reflns.Friedel_coverage                               ? 
_reflns.number_gt                                      ? 
_reflns.threshold_expression                           ? 
_reflns.pdbx_redundancy                                6.3 
_reflns.pdbx_netI_over_av_sigmaI                       ? 
_reflns.pdbx_netI_over_sigmaI                          7.58 
_reflns.pdbx_res_netI_over_av_sigmaI_2                 ? 
_reflns.pdbx_res_netI_over_sigmaI_2                    ? 
_reflns.pdbx_chi_squared                               ? 
_reflns.pdbx_scaling_rejects                           ? 
_reflns.pdbx_d_res_high_opt                            ? 
_reflns.pdbx_d_res_low_opt                             ? 
_reflns.pdbx_d_res_opt_method                          ? 
_reflns.phase_calculation_details                      ? 
_reflns.pdbx_Rrim_I_all                                ? 
_reflns.pdbx_Rpim_I_all                                ? 
_reflns.pdbx_d_opt                                     ? 
_reflns.pdbx_number_measured_all                       ? 
_reflns.pdbx_diffrn_id                                 1 
_reflns.pdbx_ordinal                                   1 
_reflns.pdbx_CC_half                                   0.992 
_reflns.pdbx_CC_star                                   ? 
_reflns.pdbx_R_split                                   ? 
_reflns.pdbx_Rmerge_I_obs                              ? 
_reflns.pdbx_Rmerge_I_all                              ? 
_reflns.pdbx_Rsym_value                                ? 
_reflns.pdbx_CC_split_method                           ? 
_reflns.pdbx_aniso_diffraction_limit_axis_1_ortho[1]   ? 
_reflns.pdbx_aniso_diffraction_limit_axis_1_ortho[2]   ? 
_reflns.pdbx_aniso_diffraction_limit_axis_1_ortho[3]   ? 
_reflns.pdbx_aniso_diffraction_limit_axis_2_ortho[1]   ? 
_reflns.pdbx_aniso_diffraction_limit_axis_2_ortho[2]   ? 
_reflns.pdbx_aniso_diffraction_limit_axis_2_ortho[3]   ? 
_reflns.pdbx_aniso_diffraction_limit_axis_3_ortho[1]   ? 
_reflns.pdbx_aniso_diffraction_limit_axis_3_ortho[2]   ? 
_reflns.pdbx_aniso_diffraction_limit_axis_3_ortho[3]   ? 
_reflns.pdbx_aniso_diffraction_limit_1                 ? 
_reflns.pdbx_aniso_diffraction_limit_2                 ? 
_reflns.pdbx_aniso_diffraction_limit_3                 ? 
_reflns.pdbx_aniso_B_tensor_eigenvector_1_ortho[1]     ? 
_reflns.pdbx_aniso_B_tensor_eigenvector_1_ortho[2]     ? 
_reflns.pdbx_aniso_B_tensor_eigenvector_1_ortho[3]     ? 
_reflns.pdbx_aniso_B_tensor_eigenvector_2_ortho[1]     ? 
_reflns.pdbx_aniso_B_tensor_eigenvector_2_ortho[2]     ? 
_reflns.pdbx_aniso_B_tensor_eigenvector_2_ortho[3]     ? 
_reflns.pdbx_aniso_B_tensor_eigenvector_3_ortho[1]     ? 
_reflns.pdbx_aniso_B_tensor_eigenvector_3_ortho[2]     ? 
_reflns.pdbx_aniso_B_tensor_eigenvector_3_ortho[3]     ? 
_reflns.pdbx_aniso_B_tensor_eigenvalue_1               ? 
_reflns.pdbx_aniso_B_tensor_eigenvalue_2               ? 
_reflns.pdbx_aniso_B_tensor_eigenvalue_3               ? 
_reflns.pdbx_orthogonalization_convention              ? 
_reflns.pdbx_percent_possible_ellipsoidal              ? 
_reflns.pdbx_percent_possible_spherical                ? 
_reflns.pdbx_percent_possible_ellipsoidal_anomalous    ? 
_reflns.pdbx_percent_possible_spherical_anomalous      ? 
_reflns.pdbx_redundancy_anomalous                      ? 
_reflns.pdbx_CC_half_anomalous                         ? 
_reflns.pdbx_absDiff_over_sigma_anomalous              ? 
_reflns.pdbx_percent_possible_anomalous                ? 
_reflns.pdbx_observed_signal_threshold                 ? 
_reflns.pdbx_signal_type                               ? 
_reflns.pdbx_signal_details                            ? 
_reflns.pdbx_signal_software_id                        ? 
# 
_reflns_shell.d_res_high                                    1.41 
_reflns_shell.d_res_low                                     1.46 
_reflns_shell.meanI_over_sigI_all                           ? 
_reflns_shell.meanI_over_sigI_obs                           ? 
_reflns_shell.number_measured_all                           ? 
_reflns_shell.number_measured_obs                           ? 
_reflns_shell.number_possible                               ? 
_reflns_shell.number_unique_all                             ? 
_reflns_shell.number_unique_obs                             250 
_reflns_shell.percent_possible_obs                          ? 
_reflns_shell.Rmerge_F_all                                  ? 
_reflns_shell.Rmerge_F_obs                                  ? 
_reflns_shell.meanI_over_sigI_gt                            ? 
_reflns_shell.meanI_over_uI_all                             ? 
_reflns_shell.meanI_over_uI_gt                              ? 
_reflns_shell.number_measured_gt                            ? 
_reflns_shell.number_unique_gt                              ? 
_reflns_shell.percent_possible_gt                           ? 
_reflns_shell.Rmerge_F_gt                                   ? 
_reflns_shell.Rmerge_I_gt                                   ? 
_reflns_shell.pdbx_redundancy                               ? 
_reflns_shell.pdbx_chi_squared                              ? 
_reflns_shell.pdbx_netI_over_sigmaI_all                     ? 
_reflns_shell.pdbx_netI_over_sigmaI_obs                     ? 
_reflns_shell.pdbx_Rrim_I_all                               ? 
_reflns_shell.pdbx_Rpim_I_all                               ? 
_reflns_shell.pdbx_rejects                                  ? 
_reflns_shell.pdbx_ordinal                                  1 
_reflns_shell.pdbx_diffrn_id                                1 
_reflns_shell.pdbx_CC_half                                  0.753 
_reflns_shell.pdbx_CC_star                                  ? 
_reflns_shell.pdbx_R_split                                  ? 
_reflns_shell.percent_possible_all                          ? 
_reflns_shell.Rmerge_I_all                                  ? 
_reflns_shell.Rmerge_I_obs                                  ? 
_reflns_shell.pdbx_Rsym_value                               ? 
_reflns_shell.pdbx_percent_possible_ellipsoidal             ? 
_reflns_shell.pdbx_percent_possible_spherical               ? 
_reflns_shell.pdbx_percent_possible_ellipsoidal_anomalous   ? 
_reflns_shell.pdbx_percent_possible_spherical_anomalous     ? 
_reflns_shell.pdbx_redundancy_anomalous                     ? 
_reflns_shell.pdbx_CC_half_anomalous                        ? 
_reflns_shell.pdbx_absDiff_over_sigma_anomalous             ? 
_reflns_shell.pdbx_percent_possible_anomalous               ? 
# 
_refine.aniso_B[1][1]                            ? 
_refine.aniso_B[1][2]                            ? 
_refine.aniso_B[1][3]                            ? 
_refine.aniso_B[2][2]                            ? 
_refine.aniso_B[2][3]                            ? 
_refine.aniso_B[3][3]                            ? 
_refine.B_iso_max                                ? 
_refine.B_iso_mean                               20.85 
_refine.B_iso_min                                ? 
_refine.correlation_coeff_Fo_to_Fc               ? 
_refine.correlation_coeff_Fo_to_Fc_free          ? 
_refine.details                                  ? 
_refine.diff_density_max                         ? 
_refine.diff_density_max_esd                     ? 
_refine.diff_density_min                         ? 
_refine.diff_density_min_esd                     ? 
_refine.diff_density_rms                         ? 
_refine.diff_density_rms_esd                     ? 
_refine.entry_id                                 9MDG 
_refine.pdbx_refine_id                           'X-RAY DIFFRACTION' 
_refine.ls_abs_structure_details                 ? 
_refine.ls_abs_structure_Flack                   ? 
_refine.ls_abs_structure_Flack_esd               ? 
_refine.ls_abs_structure_Rogers                  ? 
_refine.ls_abs_structure_Rogers_esd              ? 
_refine.ls_d_res_high                            1.41 
_refine.ls_d_res_low                             17.26 
_refine.ls_extinction_coef                       ? 
_refine.ls_extinction_coef_esd                   ? 
_refine.ls_extinction_expression                 ? 
_refine.ls_extinction_method                     ? 
_refine.ls_goodness_of_fit_all                   ? 
_refine.ls_goodness_of_fit_all_esd               ? 
_refine.ls_goodness_of_fit_obs                   ? 
_refine.ls_goodness_of_fit_obs_esd               ? 
_refine.ls_hydrogen_treatment                    ? 
_refine.ls_matrix_type                           ? 
_refine.ls_number_constraints                    ? 
_refine.ls_number_parameters                     ? 
_refine.ls_number_reflns_all                     ? 
_refine.ls_number_reflns_obs                     2652 
_refine.ls_number_reflns_R_free                  499 
_refine.ls_number_reflns_R_work                  4421 
_refine.ls_number_restraints                     ? 
_refine.ls_percent_reflns_obs                    96.19 
_refine.ls_percent_reflns_R_free                 10.14 
_refine.ls_R_factor_all                          ? 
_refine.ls_R_factor_obs                          0.1501 
_refine.ls_R_factor_R_free                       0.1971 
_refine.ls_R_factor_R_free_error                 ? 
_refine.ls_R_factor_R_free_error_details         ? 
_refine.ls_R_factor_R_work                       0.1445 
_refine.ls_R_Fsqd_factor_obs                     ? 
_refine.ls_R_I_factor_obs                        ? 
_refine.ls_redundancy_reflns_all                 ? 
_refine.ls_redundancy_reflns_obs                 ? 
_refine.ls_restrained_S_all                      ? 
_refine.ls_restrained_S_obs                      ? 
_refine.ls_shift_over_esd_max                    ? 
_refine.ls_shift_over_esd_mean                   ? 
_refine.ls_structure_factor_coef                 ? 
_refine.ls_weighting_details                     ? 
_refine.ls_weighting_scheme                      ? 
_refine.ls_wR_factor_all                         ? 
_refine.ls_wR_factor_obs                         ? 
_refine.ls_wR_factor_R_free                      ? 
_refine.ls_wR_factor_R_work                      ? 
_refine.occupancy_max                            ? 
_refine.occupancy_min                            ? 
_refine.solvent_model_details                    'FLAT BULK SOLVENT MODEL' 
_refine.solvent_model_param_bsol                 ? 
_refine.solvent_model_param_ksol                 ? 
_refine.pdbx_R_complete                          ? 
_refine.ls_R_factor_gt                           ? 
_refine.ls_goodness_of_fit_gt                    ? 
_refine.ls_goodness_of_fit_ref                   ? 
_refine.ls_shift_over_su_max                     ? 
_refine.ls_shift_over_su_max_lt                  ? 
_refine.ls_shift_over_su_mean                    ? 
_refine.ls_shift_over_su_mean_lt                 ? 
_refine.pdbx_ls_sigma_I                          ? 
_refine.pdbx_ls_sigma_F                          1.34 
_refine.pdbx_ls_sigma_Fsqd                       ? 
_refine.pdbx_data_cutoff_high_absF               ? 
_refine.pdbx_data_cutoff_high_rms_absF           ? 
_refine.pdbx_data_cutoff_low_absF                ? 
_refine.pdbx_isotropic_thermal_model             ? 
_refine.pdbx_ls_cross_valid_method               'FREE R-VALUE' 
_refine.pdbx_method_to_determine_struct          'MOLECULAR REPLACEMENT' 
_refine.pdbx_starting_model                      ? 
_refine.pdbx_stereochemistry_target_values       'GeoStd + Monomer Library + CDL v1.2' 
_refine.pdbx_R_Free_selection_details            ? 
_refine.pdbx_stereochem_target_val_spec_case     ? 
_refine.pdbx_overall_ESU_R                       ? 
_refine.pdbx_overall_ESU_R_Free                  ? 
_refine.pdbx_solvent_vdw_probe_radii             1.1000 
_refine.pdbx_solvent_ion_probe_radii             ? 
_refine.pdbx_solvent_shrinkage_radii             0.9000 
_refine.pdbx_real_space_R                        ? 
_refine.pdbx_density_correlation                 ? 
_refine.pdbx_pd_number_of_powder_patterns        ? 
_refine.pdbx_pd_number_of_points                 ? 
_refine.pdbx_pd_meas_number_of_points            ? 
_refine.pdbx_pd_proc_ls_prof_R_factor            ? 
_refine.pdbx_pd_proc_ls_prof_wR_factor           ? 
_refine.pdbx_pd_Marquardt_correlation_coeff      ? 
_refine.pdbx_pd_Fsqrd_R_factor                   ? 
_refine.pdbx_pd_ls_matrix_band_width             ? 
_refine.pdbx_overall_phase_error                 25.5773 
_refine.pdbx_overall_SU_R_free_Cruickshank_DPI   ? 
_refine.pdbx_overall_SU_R_free_Blow_DPI          ? 
_refine.pdbx_overall_SU_R_Blow_DPI               ? 
_refine.pdbx_TLS_residual_ADP_flag               ? 
_refine.pdbx_diffrn_id                           1 
_refine.overall_SU_B                             ? 
_refine.overall_SU_ML                            0.1556 
_refine.overall_SU_R_Cruickshank_DPI             ? 
_refine.overall_SU_R_free                        ? 
_refine.overall_FOM_free_R_set                   ? 
_refine.overall_FOM_work_R_set                   ? 
_refine.pdbx_average_fsc_overall                 ? 
_refine.pdbx_average_fsc_work                    ? 
_refine.pdbx_average_fsc_free                    ? 
# 
_refine_hist.pdbx_refine_id                   'X-RAY DIFFRACTION' 
_refine_hist.cycle_id                         LAST 
_refine_hist.details                          ? 
_refine_hist.d_res_high                       1.41 
_refine_hist.d_res_low                        17.26 
_refine_hist.number_atoms_solvent             14 
_refine_hist.number_atoms_total               164 
_refine_hist.number_reflns_all                ? 
_refine_hist.number_reflns_obs                ? 
_refine_hist.number_reflns_R_free             ? 
_refine_hist.number_reflns_R_work             ? 
_refine_hist.R_factor_all                     ? 
_refine_hist.R_factor_obs                     ? 
_refine_hist.R_factor_R_free                  ? 
_refine_hist.R_factor_R_work                  ? 
_refine_hist.pdbx_number_residues_total       ? 
_refine_hist.pdbx_B_iso_mean_ligand           ? 
_refine_hist.pdbx_B_iso_mean_solvent          ? 
_refine_hist.pdbx_number_atoms_protein        138 
_refine_hist.pdbx_number_atoms_nucleic_acid   0 
_refine_hist.pdbx_number_atoms_ligand         12 
_refine_hist.pdbx_number_atoms_lipid          ? 
_refine_hist.pdbx_number_atoms_carb           ? 
_refine_hist.pdbx_pseudo_atom_details         ? 
# 
loop_
_refine_ls_restr.pdbx_refine_id 
_refine_ls_restr.criterion 
_refine_ls_restr.dev_ideal 
_refine_ls_restr.dev_ideal_target 
_refine_ls_restr.number 
_refine_ls_restr.rejects 
_refine_ls_restr.type 
_refine_ls_restr.weight 
_refine_ls_restr.pdbx_restraint_function 
'X-RAY DIFFRACTION' ? 0.0106  ? 152 ? f_bond_d           ? ? 
'X-RAY DIFFRACTION' ? 1.6500  ? 212 ? f_angle_d          ? ? 
'X-RAY DIFFRACTION' ? 0.0735  ? 22  ? f_chiral_restr     ? ? 
'X-RAY DIFFRACTION' ? 0.0119  ? 22  ? f_plane_restr      ? ? 
'X-RAY DIFFRACTION' ? 20.0401 ? 52  ? f_dihedral_angle_d ? ? 
# 
loop_
_refine_ls_shell.pdbx_refine_id 
_refine_ls_shell.d_res_high 
_refine_ls_shell.d_res_low 
_refine_ls_shell.number_reflns_all 
_refine_ls_shell.number_reflns_obs 
_refine_ls_shell.number_reflns_R_free 
_refine_ls_shell.number_reflns_R_work 
_refine_ls_shell.percent_reflns_obs 
_refine_ls_shell.percent_reflns_R_free 
_refine_ls_shell.R_factor_all 
_refine_ls_shell.R_factor_obs 
_refine_ls_shell.R_factor_R_free_error 
_refine_ls_shell.R_factor_R_work 
_refine_ls_shell.redundancy_reflns_all 
_refine_ls_shell.redundancy_reflns_obs 
_refine_ls_shell.wR_factor_all 
_refine_ls_shell.wR_factor_obs 
_refine_ls_shell.wR_factor_R_free 
_refine_ls_shell.wR_factor_R_work 
_refine_ls_shell.pdbx_R_complete 
_refine_ls_shell.pdbx_total_number_of_bins_used 
_refine_ls_shell.pdbx_phase_error 
_refine_ls_shell.pdbx_fsc_work 
_refine_ls_shell.pdbx_fsc_free 
_refine_ls_shell.R_factor_R_free 
'X-RAY DIFFRACTION' 1.41 1.55  . . 116 1042 92.12 . . . . 0.2395 . . . . . . . . . . . 0.2967 
'X-RAY DIFFRACTION' 1.55 1.77  . . 125 1098 94.29 . . . . 0.1592 . . . . . . . . . . . 0.2520 
'X-RAY DIFFRACTION' 1.78 2.24  . . 129 1130 99.37 . . . . 0.1658 . . . . . . . . . . . 0.2025 
'X-RAY DIFFRACTION' 2.24 17.26 . . 129 1151 99.07 . . . . 0.1161 . . . . . . . . . . . 0.1675 
# 
_struct.entry_id                     9MDG 
_struct.title                        'Co-MAHF-9 A8L Metal Alpha-Helix Framework' 
_struct.pdbx_model_details           ? 
_struct.pdbx_formula_weight          ? 
_struct.pdbx_formula_weight_method   ? 
_struct.pdbx_model_type_details      ? 
_struct.pdbx_CASP_flag               N 
# 
_struct_keywords.entry_id        9MDG 
_struct_keywords.text            'synthetic construct, DE NOVO PROTEIN' 
_struct_keywords.pdbx_keywords   'DE NOVO PROTEIN' 
# 
loop_
_struct_asym.id 
_struct_asym.pdbx_blank_PDB_chainid_flag 
_struct_asym.pdbx_modified 
_struct_asym.entity_id 
_struct_asym.details 
A N N 1 ? 
B N N 1 ? 
C N N 2 ? 
D N N 2 ? 
E N N 3 ? 
F N N 4 ? 
G N N 4 ? 
# 
_struct_ref.id                         1 
_struct_ref.db_name                    PDB 
_struct_ref.db_code                    9MDG 
_struct_ref.pdbx_db_accession          9MDG 
_struct_ref.pdbx_db_isoform            ? 
_struct_ref.entity_id                  1 
_struct_ref.pdbx_seq_one_letter_code   ? 
_struct_ref.pdbx_align_begin           1 
# 
loop_
_struct_ref_seq.align_id 
_struct_ref_seq.ref_id 
_struct_ref_seq.pdbx_PDB_id_code 
_struct_ref_seq.pdbx_strand_id 
_struct_ref_seq.seq_align_beg 
_struct_ref_seq.pdbx_seq_align_beg_ins_code 
_struct_ref_seq.seq_align_end 
_struct_ref_seq.pdbx_seq_align_end_ins_code 
_struct_ref_seq.pdbx_db_accession 
_struct_ref_seq.db_align_beg 
_struct_ref_seq.pdbx_db_align_beg_ins_code 
_struct_ref_seq.db_align_end 
_struct_ref_seq.pdbx_db_align_end_ins_code 
_struct_ref_seq.pdbx_auth_seq_align_beg 
_struct_ref_seq.pdbx_auth_seq_align_end 
1 1 9MDG A 1 ? 11 ? 9MDG 1 ? 11 ? 1 11 
2 1 9MDG B 1 ? 11 ? 9MDG 1 ? 11 ? 1 11 
# 
loop_
_pdbx_struct_assembly.id 
_pdbx_struct_assembly.details 
_pdbx_struct_assembly.method_details 
_pdbx_struct_assembly.oligomeric_details 
_pdbx_struct_assembly.oligomeric_count 
1 author_defined_assembly ? monomeric 1 
2 author_defined_assembly ? monomeric 1 
# 
loop_
_pdbx_struct_assembly_gen.assembly_id 
_pdbx_struct_assembly_gen.oper_expression 
_pdbx_struct_assembly_gen.asym_id_list 
1 1 A,C,D,F 
2 1 B,E,G   
# 
_pdbx_struct_assembly_auth_evidence.id                     1 
_pdbx_struct_assembly_auth_evidence.assembly_id            1 
_pdbx_struct_assembly_auth_evidence.experimental_support   none 
_pdbx_struct_assembly_auth_evidence.details                ? 
# 
_pdbx_struct_oper_list.id                   1 
_pdbx_struct_oper_list.type                 'identity operation' 
_pdbx_struct_oper_list.name                 1_555 
_pdbx_struct_oper_list.symmetry_operation   x,y,z 
_pdbx_struct_oper_list.matrix[1][1]         1.0000000000 
_pdbx_struct_oper_list.matrix[1][2]         0.0000000000 
_pdbx_struct_oper_list.matrix[1][3]         0.0000000000 
_pdbx_struct_oper_list.vector[1]            0.0000000000 
_pdbx_struct_oper_list.matrix[2][1]         0.0000000000 
_pdbx_struct_oper_list.matrix[2][2]         1.0000000000 
_pdbx_struct_oper_list.matrix[2][3]         0.0000000000 
_pdbx_struct_oper_list.vector[2]            0.0000000000 
_pdbx_struct_oper_list.matrix[3][1]         0.0000000000 
_pdbx_struct_oper_list.matrix[3][2]         0.0000000000 
_pdbx_struct_oper_list.matrix[3][3]         1.0000000000 
_pdbx_struct_oper_list.vector[3]            0.0000000000 
# 
loop_
_struct_conf.conf_type_id 
_struct_conf.id 
_struct_conf.pdbx_PDB_helix_id 
_struct_conf.beg_label_comp_id 
_struct_conf.beg_label_asym_id 
_struct_conf.beg_label_seq_id 
_struct_conf.pdbx_beg_PDB_ins_code 
_struct_conf.end_label_comp_id 
_struct_conf.end_label_asym_id 
_struct_conf.end_label_seq_id 
_struct_conf.pdbx_end_PDB_ins_code 
_struct_conf.beg_auth_comp_id 
_struct_conf.beg_auth_asym_id 
_struct_conf.beg_auth_seq_id 
_struct_conf.end_auth_comp_id 
_struct_conf.end_auth_asym_id 
_struct_conf.end_auth_seq_id 
_struct_conf.pdbx_PDB_helix_class 
_struct_conf.details 
_struct_conf.pdbx_PDB_helix_length 
HELX_P HELX_P1 AA1 LEU A 2 ? LEU A 10 ? LEU A 2 LEU A 10 1 ? 9 
HELX_P HELX_P2 AA2 LEU B 2 ? LEU B 10 ? LEU B 2 LEU B 10 1 ? 9 
# 
_struct_conf_type.id          HELX_P 
_struct_conf_type.criteria    ? 
_struct_conf_type.reference   ? 
# 
loop_
_struct_conn.id 
_struct_conn.conn_type_id 
_struct_conn.pdbx_leaving_atom_flag 
_struct_conn.pdbx_PDB_id 
_struct_conn.ptnr1_label_asym_id 
_struct_conn.ptnr1_label_comp_id 
_struct_conn.ptnr1_label_seq_id 
_struct_conn.ptnr1_label_atom_id 
_struct_conn.pdbx_ptnr1_label_alt_id 
_struct_conn.pdbx_ptnr1_PDB_ins_code 
_struct_conn.pdbx_ptnr1_standard_comp_id 
_struct_conn.ptnr1_symmetry 
_struct_conn.ptnr2_label_asym_id 
_struct_conn.ptnr2_label_comp_id 
_struct_conn.ptnr2_label_seq_id 
_struct_conn.ptnr2_label_atom_id 
_struct_conn.pdbx_ptnr2_label_alt_id 
_struct_conn.pdbx_ptnr2_PDB_ins_code 
_struct_conn.ptnr1_auth_asym_id 
_struct_conn.ptnr1_auth_comp_id 
_struct_conn.ptnr1_auth_seq_id 
_struct_conn.ptnr2_auth_asym_id 
_struct_conn.ptnr2_auth_comp_id 
_struct_conn.ptnr2_auth_seq_id 
_struct_conn.ptnr2_symmetry 
_struct_conn.pdbx_ptnr3_label_atom_id 
_struct_conn.pdbx_ptnr3_label_seq_id 
_struct_conn.pdbx_ptnr3_label_comp_id 
_struct_conn.pdbx_ptnr3_label_asym_id 
_struct_conn.pdbx_ptnr3_label_alt_id 
_struct_conn.pdbx_ptnr3_PDB_ins_code 
_struct_conn.details 
_struct_conn.pdbx_dist_value 
_struct_conn.pdbx_value_order 
_struct_conn.pdbx_role 
covale1  covale both ? A ACE 1  C   ? ? ? 1_555 A LEU 2  N   ? ? A ACE 1   A LEU 2   1_555 ? ? ? ? ? ? ? 1.422 ? ? 
covale2  covale both ? A LEU 2  C   ? ? ? 1_555 A AIB 3  N   ? ? A LEU 2   A AIB 3   1_555 ? ? ? ? ? ? ? 1.325 ? ? 
covale3  covale both ? A AIB 3  C   ? ? ? 1_555 A GLU 4  N   ? ? A AIB 3   A GLU 4   1_555 ? ? ? ? ? ? ? 1.329 ? ? 
covale4  covale both ? A GLU 4  C   ? ? ? 1_555 A AIB 5  N   ? ? A GLU 4   A AIB 5   1_555 ? ? ? ? ? ? ? 1.323 ? ? 
covale5  covale both ? A AIB 5  C   ? ? ? 1_555 A LEU 6  N   A ? A AIB 5   A LEU 6   1_555 ? ? ? ? ? ? ? 1.329 ? ? 
covale6  covale both ? A AIB 5  C   ? ? ? 1_555 A LEU 6  N   B ? A AIB 5   A LEU 6   1_555 ? ? ? ? ? ? ? 1.342 ? ? 
covale7  covale both ? A LEU 8  C   ? ? ? 1_555 A AIB 9  N   ? ? A LEU 8   A AIB 9   1_555 ? ? ? ? ? ? ? 1.329 ? ? 
covale8  covale both ? A AIB 9  C   ? ? ? 1_555 A LEU 10 N   ? ? A AIB 9   A LEU 10  1_555 ? ? ? ? ? ? ? 1.323 ? ? 
covale9  covale both ? A LEU 10 C   ? ? ? 1_555 A NH2 11 N   ? ? A LEU 10  A NH2 11  1_555 ? ? ? ? ? ? ? 1.428 ? ? 
covale10 covale both ? B ACE 1  C   ? ? ? 1_555 B LEU 2  N   ? ? B ACE 1   B LEU 2   1_555 ? ? ? ? ? ? ? 1.426 ? ? 
covale11 covale both ? B LEU 2  C   ? ? ? 1_555 B AIB 3  N   ? ? B LEU 2   B AIB 3   1_555 ? ? ? ? ? ? ? 1.330 ? ? 
covale12 covale both ? B AIB 3  C   ? ? ? 1_555 B GLU 4  N   ? ? B AIB 3   B GLU 4   1_555 ? ? ? ? ? ? ? 1.332 ? ? 
covale13 covale both ? B GLU 4  C   ? ? ? 1_555 B AIB 5  N   ? ? B GLU 4   B AIB 5   1_555 ? ? ? ? ? ? ? 1.323 ? ? 
covale14 covale both ? B AIB 5  C   ? ? ? 1_555 B LEU 6  N   ? ? B AIB 5   B LEU 6   1_555 ? ? ? ? ? ? ? 1.329 ? ? 
covale15 covale both ? B LEU 8  C   ? ? ? 1_555 B AIB 9  N   ? ? B LEU 8   B AIB 9   1_555 ? ? ? ? ? ? ? 1.332 ? ? 
covale16 covale both ? B AIB 9  C   ? ? ? 1_555 B LEU 10 N   ? ? B AIB 9   B LEU 10  1_555 ? ? ? ? ? ? ? 1.326 ? ? 
covale17 covale both ? B LEU 10 C   ? ? ? 1_555 B NH2 11 N   ? ? B LEU 10  B NH2 11  1_555 ? ? ? ? ? ? ? 1.429 ? ? 
metalc1  metalc ?    ? A GLU 4  OE1 ? ? ? 1_555 D CO  .  CO  ? ? A GLU 4   A CO  102 1_555 ? ? ? ? ? ? ? 2.567 ? ? 
metalc2  metalc ?    ? A GLU 4  OE2 ? ? ? 1_555 D CO  .  CO  ? ? A GLU 4   A CO  102 1_555 ? ? ? ? ? ? ? 1.902 ? ? 
metalc3  metalc ?    ? A GLU 4  OE1 ? ? ? 1_555 D CO  .  CO  ? ? A GLU 4   A CO  102 2_556 ? ? ? ? ? ? ? 2.567 ? ? 
metalc4  metalc ?    ? A GLU 4  OE2 ? ? ? 1_555 D CO  .  CO  ? ? A GLU 4   A CO  102 2_556 ? ? ? ? ? ? ? 1.902 ? ? 
metalc5  metalc ?    ? A HIS 7  NE2 ? ? ? 1_555 C CO  .  CO  ? ? A HIS 7   A CO  101 1_555 ? ? ? ? ? ? ? 2.015 ? ? 
metalc6  metalc ?    ? A HIS 7  NE2 ? ? ? 1_555 C CO  .  CO  ? ? A HIS 7   A CO  101 2_556 ? ? ? ? ? ? ? 2.015 ? ? 
metalc7  metalc ?    ? C CO  .  CO  ? ? ? 1_555 B GLU 4  OE1 ? ? A CO  101 B GLU 4   1_555 ? ? ? ? ? ? ? 2.614 ? ? 
metalc8  metalc ?    ? C CO  .  CO  ? ? ? 1_555 B GLU 4  OE2 ? ? A CO  101 B GLU 4   1_555 ? ? ? ? ? ? ? 1.855 ? ? 
metalc9  metalc ?    ? C CO  .  CO  ? ? ? 2_556 B GLU 4  OE1 ? ? A CO  101 B GLU 4   1_555 ? ? ? ? ? ? ? 2.614 ? ? 
metalc10 metalc ?    ? C CO  .  CO  ? ? ? 2_556 B GLU 4  OE2 ? ? A CO  101 B GLU 4   1_555 ? ? ? ? ? ? ? 1.855 ? ? 
metalc11 metalc ?    ? D CO  .  CO  ? ? ? 1_555 B HIS 7  NE2 ? ? A CO  102 B HIS 7   1_555 ? ? ? ? ? ? ? 2.018 ? ? 
metalc12 metalc ?    ? D CO  .  CO  ? ? ? 2_556 B HIS 7  NE2 ? ? A CO  102 B HIS 7   1_555 ? ? ? ? ? ? ? 2.018 ? ? 
# 
loop_
_struct_conn_type.id 
_struct_conn_type.criteria 
_struct_conn_type.reference 
covale ? ? 
metalc ? ? 
# 
loop_
_pdbx_struct_conn_angle.id 
_pdbx_struct_conn_angle.ptnr1_label_atom_id 
_pdbx_struct_conn_angle.ptnr1_label_alt_id 
_pdbx_struct_conn_angle.ptnr1_label_asym_id 
_pdbx_struct_conn_angle.ptnr1_label_comp_id 
_pdbx_struct_conn_angle.ptnr1_label_seq_id 
_pdbx_struct_conn_angle.ptnr1_auth_atom_id 
_pdbx_struct_conn_angle.ptnr1_auth_asym_id 
_pdbx_struct_conn_angle.ptnr1_auth_comp_id 
_pdbx_struct_conn_angle.ptnr1_auth_seq_id 
_pdbx_struct_conn_angle.ptnr1_PDB_ins_code 
_pdbx_struct_conn_angle.ptnr1_symmetry 
_pdbx_struct_conn_angle.ptnr2_label_atom_id 
_pdbx_struct_conn_angle.ptnr2_label_alt_id 
_pdbx_struct_conn_angle.ptnr2_label_asym_id 
_pdbx_struct_conn_angle.ptnr2_label_comp_id 
_pdbx_struct_conn_angle.ptnr2_label_seq_id 
_pdbx_struct_conn_angle.ptnr2_auth_atom_id 
_pdbx_struct_conn_angle.ptnr2_auth_asym_id 
_pdbx_struct_conn_angle.ptnr2_auth_comp_id 
_pdbx_struct_conn_angle.ptnr2_auth_seq_id 
_pdbx_struct_conn_angle.ptnr2_PDB_ins_code 
_pdbx_struct_conn_angle.ptnr2_symmetry 
_pdbx_struct_conn_angle.ptnr3_label_atom_id 
_pdbx_struct_conn_angle.ptnr3_label_alt_id 
_pdbx_struct_conn_angle.ptnr3_label_asym_id 
_pdbx_struct_conn_angle.ptnr3_label_comp_id 
_pdbx_struct_conn_angle.ptnr3_label_seq_id 
_pdbx_struct_conn_angle.ptnr3_auth_atom_id 
_pdbx_struct_conn_angle.ptnr3_auth_asym_id 
_pdbx_struct_conn_angle.ptnr3_auth_comp_id 
_pdbx_struct_conn_angle.ptnr3_auth_seq_id 
_pdbx_struct_conn_angle.ptnr3_PDB_ins_code 
_pdbx_struct_conn_angle.ptnr3_symmetry 
_pdbx_struct_conn_angle.value 
_pdbx_struct_conn_angle.value_esd 
1  OE1 ? A GLU 4 ? A GLU 4 ? 1_555 CO ? D CO . ? A CO 102 ? 1_555 OE2 ? A GLU 4 ? A GLU 4 ? 1_555 57.5  ? 
2  OE1 ? A GLU 4 ? A GLU 4 ? 1_555 CO ? D CO . ? A CO 102 ? 1_555 OE1 ? A GLU 4 ? A GLU 4 ? 1_555 0.0   ? 
3  OE2 ? A GLU 4 ? A GLU 4 ? 1_555 CO ? D CO . ? A CO 102 ? 1_555 OE1 ? A GLU 4 ? A GLU 4 ? 1_555 57.5  ? 
4  OE1 ? A GLU 4 ? A GLU 4 ? 1_555 CO ? D CO . ? A CO 102 ? 1_555 OE2 ? A GLU 4 ? A GLU 4 ? 1_555 57.5  ? 
5  OE2 ? A GLU 4 ? A GLU 4 ? 1_555 CO ? D CO . ? A CO 102 ? 1_555 OE2 ? A GLU 4 ? A GLU 4 ? 1_555 0.0   ? 
6  OE1 ? A GLU 4 ? A GLU 4 ? 1_555 CO ? D CO . ? A CO 102 ? 1_555 OE2 ? A GLU 4 ? A GLU 4 ? 1_555 57.5  ? 
7  OE1 ? A GLU 4 ? A GLU 4 ? 1_555 CO ? D CO . ? A CO 102 ? 1_555 NE2 ? B HIS 7 ? B HIS 7 ? 1_555 82.5  ? 
8  OE2 ? A GLU 4 ? A GLU 4 ? 1_555 CO ? D CO . ? A CO 102 ? 1_555 NE2 ? B HIS 7 ? B HIS 7 ? 1_555 102.6 ? 
9  OE1 ? A GLU 4 ? A GLU 4 ? 1_555 CO ? D CO . ? A CO 102 ? 1_555 NE2 ? B HIS 7 ? B HIS 7 ? 1_555 82.5  ? 
10 OE2 ? A GLU 4 ? A GLU 4 ? 1_555 CO ? D CO . ? A CO 102 ? 1_555 NE2 ? B HIS 7 ? B HIS 7 ? 1_555 102.6 ? 
11 OE1 ? A GLU 4 ? A GLU 4 ? 1_555 CO ? D CO . ? A CO 102 ? 1_555 NE2 ? B HIS 7 ? B HIS 7 ? 1_555 82.5  ? 
12 OE2 ? A GLU 4 ? A GLU 4 ? 1_555 CO ? D CO . ? A CO 102 ? 1_555 NE2 ? B HIS 7 ? B HIS 7 ? 1_555 102.6 ? 
13 OE1 ? A GLU 4 ? A GLU 4 ? 1_555 CO ? D CO . ? A CO 102 ? 1_555 NE2 ? B HIS 7 ? B HIS 7 ? 1_555 82.5  ? 
14 OE2 ? A GLU 4 ? A GLU 4 ? 1_555 CO ? D CO . ? A CO 102 ? 1_555 NE2 ? B HIS 7 ? B HIS 7 ? 1_555 102.6 ? 
15 NE2 ? B HIS 7 ? B HIS 7 ? 1_555 CO ? D CO . ? A CO 102 ? 1_555 NE2 ? B HIS 7 ? B HIS 7 ? 1_555 0.0   ? 
16 NE2 ? A HIS 7 ? A HIS 7 ? 1_555 CO ? C CO . ? A CO 101 ? 1_555 NE2 ? A HIS 7 ? A HIS 7 ? 1_555 0.0   ? 
17 NE2 ? A HIS 7 ? A HIS 7 ? 1_555 CO ? C CO . ? A CO 101 ? 1_555 OE1 ? B GLU 4 ? B GLU 4 ? 1_555 87.3  ? 
18 NE2 ? A HIS 7 ? A HIS 7 ? 1_555 CO ? C CO . ? A CO 101 ? 1_555 OE1 ? B GLU 4 ? B GLU 4 ? 1_555 87.3  ? 
19 NE2 ? A HIS 7 ? A HIS 7 ? 1_555 CO ? C CO . ? A CO 101 ? 1_555 OE2 ? B GLU 4 ? B GLU 4 ? 1_555 105.2 ? 
20 NE2 ? A HIS 7 ? A HIS 7 ? 1_555 CO ? C CO . ? A CO 101 ? 1_555 OE2 ? B GLU 4 ? B GLU 4 ? 1_555 105.2 ? 
21 OE1 ? B GLU 4 ? B GLU 4 ? 1_555 CO ? C CO . ? A CO 101 ? 1_555 OE2 ? B GLU 4 ? B GLU 4 ? 1_555 56.6  ? 
22 NE2 ? A HIS 7 ? A HIS 7 ? 1_555 CO ? C CO . ? A CO 101 ? 1_555 OE1 ? B GLU 4 ? B GLU 4 ? 1_555 87.3  ? 
23 NE2 ? A HIS 7 ? A HIS 7 ? 1_555 CO ? C CO . ? A CO 101 ? 1_555 OE1 ? B GLU 4 ? B GLU 4 ? 1_555 87.3  ? 
24 OE1 ? B GLU 4 ? B GLU 4 ? 1_555 CO ? C CO . ? A CO 101 ? 1_555 OE1 ? B GLU 4 ? B GLU 4 ? 1_555 0.0   ? 
25 OE2 ? B GLU 4 ? B GLU 4 ? 1_555 CO ? C CO . ? A CO 101 ? 1_555 OE1 ? B GLU 4 ? B GLU 4 ? 1_555 56.6  ? 
26 NE2 ? A HIS 7 ? A HIS 7 ? 1_555 CO ? C CO . ? A CO 101 ? 1_555 OE2 ? B GLU 4 ? B GLU 4 ? 1_555 105.2 ? 
27 NE2 ? A HIS 7 ? A HIS 7 ? 1_555 CO ? C CO . ? A CO 101 ? 1_555 OE2 ? B GLU 4 ? B GLU 4 ? 1_555 105.2 ? 
28 OE1 ? B GLU 4 ? B GLU 4 ? 1_555 CO ? C CO . ? A CO 101 ? 1_555 OE2 ? B GLU 4 ? B GLU 4 ? 1_555 56.6  ? 
29 OE2 ? B GLU 4 ? B GLU 4 ? 1_555 CO ? C CO . ? A CO 101 ? 1_555 OE2 ? B GLU 4 ? B GLU 4 ? 1_555 0.0   ? 
30 OE1 ? B GLU 4 ? B GLU 4 ? 1_555 CO ? C CO . ? A CO 101 ? 1_555 OE2 ? B GLU 4 ? B GLU 4 ? 1_555 56.6  ? 
# 
loop_
_pdbx_modification_feature.ordinal 
_pdbx_modification_feature.label_comp_id 
_pdbx_modification_feature.label_asym_id 
_pdbx_modification_feature.label_seq_id 
_pdbx_modification_feature.label_alt_id 
_pdbx_modification_feature.modified_residue_label_comp_id 
_pdbx_modification_feature.modified_residue_label_asym_id 
_pdbx_modification_feature.modified_residue_label_seq_id 
_pdbx_modification_feature.modified_residue_label_alt_id 
_pdbx_modification_feature.auth_comp_id 
_pdbx_modification_feature.auth_asym_id 
_pdbx_modification_feature.auth_seq_id 
_pdbx_modification_feature.PDB_ins_code 
_pdbx_modification_feature.symmetry 
_pdbx_modification_feature.modified_residue_auth_comp_id 
_pdbx_modification_feature.modified_residue_auth_asym_id 
_pdbx_modification_feature.modified_residue_auth_seq_id 
_pdbx_modification_feature.modified_residue_PDB_ins_code 
_pdbx_modification_feature.modified_residue_symmetry 
_pdbx_modification_feature.comp_id_linking_atom 
_pdbx_modification_feature.modified_residue_id_linking_atom 
_pdbx_modification_feature.modified_residue_id 
_pdbx_modification_feature.ref_pcm_id 
_pdbx_modification_feature.ref_comp_id 
_pdbx_modification_feature.type 
_pdbx_modification_feature.category 
1  AIB A 3  ? .   . .  . AIB A 3  ? 1_555 .   . .  . .     . . ALA 1  AIB Methylation 'Named protein modification' 
2  AIB A 5  ? .   . .  . AIB A 5  ? 1_555 .   . .  . .     . . ALA 1  AIB Methylation 'Named protein modification' 
3  AIB A 9  ? .   . .  . AIB A 9  ? 1_555 .   . .  . .     . . ALA 1  AIB Methylation 'Named protein modification' 
4  AIB B 3  ? .   . .  . AIB B 3  ? 1_555 .   . .  . .     . . ALA 1  AIB Methylation 'Named protein modification' 
5  AIB B 5  ? .   . .  . AIB B 5  ? 1_555 .   . .  . .     . . ALA 1  AIB Methylation 'Named protein modification' 
6  AIB B 9  ? .   . .  . AIB B 9  ? 1_555 .   . .  . .     . . ALA 1  AIB Methylation 'Named protein modification' 
7  ACE A 1  ? LEU A 2  ? ACE A 1  ? 1_555 LEU A 2  ? 1_555 . . LEU 14 ACE None        'Terminal acetylation'       
8  ACE B 1  ? LEU B 2  ? ACE B 1  ? 1_555 LEU B 2  ? 1_555 . . LEU 14 ACE None        'Terminal acetylation'       
9  NH2 A 11 ? LEU A 10 ? NH2 A 11 ? 1_555 LEU A 10 ? 1_555 . . LEU 14 NH2 None        'Terminal amidation'         
10 NH2 B 11 ? LEU B 10 ? NH2 B 11 ? 1_555 LEU B 10 ? 1_555 . . LEU 14 NH2 None        'Terminal amidation'         
# 
_pdbx_entry_details.entry_id                   9MDG 
_pdbx_entry_details.nonpolymer_details         ? 
_pdbx_entry_details.sequence_details           ? 
_pdbx_entry_details.compound_details           ? 
_pdbx_entry_details.source_details             ? 
_pdbx_entry_details.has_ligand_of_interest     N 
_pdbx_entry_details.has_protein_modification   Y 
# 
_pdbx_validate_close_contact.id               1 
_pdbx_validate_close_contact.PDB_model_num    1 
_pdbx_validate_close_contact.auth_atom_id_1   C 
_pdbx_validate_close_contact.auth_asym_id_1   B 
_pdbx_validate_close_contact.auth_comp_id_1   LEU 
_pdbx_validate_close_contact.auth_seq_id_1    10 
_pdbx_validate_close_contact.PDB_ins_code_1   ? 
_pdbx_validate_close_contact.label_alt_id_1   ? 
_pdbx_validate_close_contact.auth_atom_id_2   HN2 
_pdbx_validate_close_contact.auth_asym_id_2   B 
_pdbx_validate_close_contact.auth_comp_id_2   NH2 
_pdbx_validate_close_contact.auth_seq_id_2    11 
_pdbx_validate_close_contact.PDB_ins_code_2   ? 
_pdbx_validate_close_contact.label_alt_id_2   ? 
_pdbx_validate_close_contact.dist             1.45 
# 
loop_
_pdbx_struct_special_symmetry.id 
_pdbx_struct_special_symmetry.PDB_model_num 
_pdbx_struct_special_symmetry.auth_asym_id 
_pdbx_struct_special_symmetry.auth_comp_id 
_pdbx_struct_special_symmetry.auth_seq_id 
_pdbx_struct_special_symmetry.PDB_ins_code 
_pdbx_struct_special_symmetry.label_asym_id 
_pdbx_struct_special_symmetry.label_comp_id 
_pdbx_struct_special_symmetry.label_seq_id 
1 1 A CO 101 ? C CO . 
2 1 A CO 102 ? D CO . 
# 
loop_
_space_group_symop.id 
_space_group_symop.operation_xyz 
1 x,y,z           
2 -x,y,-z         
3 x+1/2,y+1/2,z   
4 -x+1/2,y+1/2,-z 
# 
loop_
_pdbx_distant_solvent_atoms.id 
_pdbx_distant_solvent_atoms.PDB_model_num 
_pdbx_distant_solvent_atoms.auth_atom_id 
_pdbx_distant_solvent_atoms.label_alt_id 
_pdbx_distant_solvent_atoms.auth_asym_id 
_pdbx_distant_solvent_atoms.auth_comp_id 
_pdbx_distant_solvent_atoms.auth_seq_id 
_pdbx_distant_solvent_atoms.PDB_ins_code 
_pdbx_distant_solvent_atoms.neighbor_macromolecule_distance 
_pdbx_distant_solvent_atoms.neighbor_ligand_distance 
1 1 O ? B HOH 207 ? 5.82 . 
2 1 O ? B HOH 208 ? 6.05 . 
3 1 O ? B HOH 209 ? 6.16 . 
# 
loop_
_chem_comp_atom.comp_id 
_chem_comp_atom.atom_id 
_chem_comp_atom.type_symbol 
_chem_comp_atom.pdbx_aromatic_flag 
_chem_comp_atom.pdbx_stereo_config 
_chem_comp_atom.pdbx_ordinal 
ACE C    C  N N 1  
ACE O    O  N N 2  
ACE CH3  C  N N 3  
ACE H    H  N N 4  
ACE H1   H  N N 5  
ACE H2   H  N N 6  
ACE H3   H  N N 7  
AIB N    N  N N 8  
AIB CA   C  N N 9  
AIB C    C  N N 10 
AIB O    O  N N 11 
AIB OXT  O  N N 12 
AIB CB1  C  N N 13 
AIB CB2  C  N N 14 
AIB H    H  N N 15 
AIB H2   H  N N 16 
AIB HXT  H  N N 17 
AIB HB11 H  N N 18 
AIB HB12 H  N N 19 
AIB HB13 H  N N 20 
AIB HB21 H  N N 21 
AIB HB22 H  N N 22 
AIB HB23 H  N N 23 
CO  CO   CO N N 24 
GLU N    N  N N 25 
GLU CA   C  N S 26 
GLU C    C  N N 27 
GLU O    O  N N 28 
GLU CB   C  N N 29 
GLU CG   C  N N 30 
GLU CD   C  N N 31 
GLU OE1  O  N N 32 
GLU OE2  O  N N 33 
GLU OXT  O  N N 34 
GLU H    H  N N 35 
GLU H2   H  N N 36 
GLU HA   H  N N 37 
GLU HB2  H  N N 38 
GLU HB3  H  N N 39 
GLU HG2  H  N N 40 
GLU HG3  H  N N 41 
GLU HE2  H  N N 42 
GLU HXT  H  N N 43 
HIS N    N  N N 44 
HIS CA   C  N S 45 
HIS C    C  N N 46 
HIS O    O  N N 47 
HIS CB   C  N N 48 
HIS CG   C  Y N 49 
HIS ND1  N  Y N 50 
HIS CD2  C  Y N 51 
HIS CE1  C  Y N 52 
HIS NE2  N  Y N 53 
HIS OXT  O  N N 54 
HIS H    H  N N 55 
HIS H2   H  N N 56 
HIS HA   H  N N 57 
HIS HB2  H  N N 58 
HIS HB3  H  N N 59 
HIS HD1  H  N N 60 
HIS HD2  H  N N 61 
HIS HE1  H  N N 62 
HIS HE2  H  N N 63 
HIS HXT  H  N N 64 
HOH O    O  N N 65 
HOH H1   H  N N 66 
HOH H2   H  N N 67 
LEU N    N  N N 68 
LEU CA   C  N S 69 
LEU C    C  N N 70 
LEU O    O  N N 71 
LEU CB   C  N N 72 
LEU CG   C  N N 73 
LEU CD1  C  N N 74 
LEU CD2  C  N N 75 
LEU OXT  O  N N 76 
LEU H    H  N N 77 
LEU H2   H  N N 78 
LEU HA   H  N N 79 
LEU HB2  H  N N 80 
LEU HB3  H  N N 81 
LEU HG   H  N N 82 
LEU HD11 H  N N 83 
LEU HD12 H  N N 84 
LEU HD13 H  N N 85 
LEU HD21 H  N N 86 
LEU HD22 H  N N 87 
LEU HD23 H  N N 88 
LEU HXT  H  N N 89 
MOH C    C  N N 90 
MOH O    O  N N 91 
MOH H1   H  N N 92 
MOH H2   H  N N 93 
MOH H3   H  N N 94 
MOH HO   H  N N 95 
NH2 N    N  N N 96 
NH2 HN1  H  N N 97 
NH2 HN2  H  N N 98 
# 
loop_
_chem_comp_bond.comp_id 
_chem_comp_bond.atom_id_1 
_chem_comp_bond.atom_id_2 
_chem_comp_bond.value_order 
_chem_comp_bond.pdbx_aromatic_flag 
_chem_comp_bond.pdbx_stereo_config 
_chem_comp_bond.pdbx_ordinal 
ACE C   O    doub N N 1  
ACE C   CH3  sing N N 2  
ACE C   H    sing N N 3  
ACE CH3 H1   sing N N 4  
ACE CH3 H2   sing N N 5  
ACE CH3 H3   sing N N 6  
AIB N   CA   sing N N 7  
AIB N   H    sing N N 8  
AIB N   H2   sing N N 9  
AIB CA  C    sing N N 10 
AIB CA  CB1  sing N N 11 
AIB CA  CB2  sing N N 12 
AIB C   O    doub N N 13 
AIB C   OXT  sing N N 14 
AIB OXT HXT  sing N N 15 
AIB CB1 HB11 sing N N 16 
AIB CB1 HB12 sing N N 17 
AIB CB1 HB13 sing N N 18 
AIB CB2 HB21 sing N N 19 
AIB CB2 HB22 sing N N 20 
AIB CB2 HB23 sing N N 21 
GLU N   CA   sing N N 22 
GLU N   H    sing N N 23 
GLU N   H2   sing N N 24 
GLU CA  C    sing N N 25 
GLU CA  CB   sing N N 26 
GLU CA  HA   sing N N 27 
GLU C   O    doub N N 28 
GLU C   OXT  sing N N 29 
GLU CB  CG   sing N N 30 
GLU CB  HB2  sing N N 31 
GLU CB  HB3  sing N N 32 
GLU CG  CD   sing N N 33 
GLU CG  HG2  sing N N 34 
GLU CG  HG3  sing N N 35 
GLU CD  OE1  doub N N 36 
GLU CD  OE2  sing N N 37 
GLU OE2 HE2  sing N N 38 
GLU OXT HXT  sing N N 39 
HIS N   CA   sing N N 40 
HIS N   H    sing N N 41 
HIS N   H2   sing N N 42 
HIS CA  C    sing N N 43 
HIS CA  CB   sing N N 44 
HIS CA  HA   sing N N 45 
HIS C   O    doub N N 46 
HIS C   OXT  sing N N 47 
HIS CB  CG   sing N N 48 
HIS CB  HB2  sing N N 49 
HIS CB  HB3  sing N N 50 
HIS CG  ND1  sing Y N 51 
HIS CG  CD2  doub Y N 52 
HIS ND1 CE1  doub Y N 53 
HIS ND1 HD1  sing N N 54 
HIS CD2 NE2  sing Y N 55 
HIS CD2 HD2  sing N N 56 
HIS CE1 NE2  sing Y N 57 
HIS CE1 HE1  sing N N 58 
HIS NE2 HE2  sing N N 59 
HIS OXT HXT  sing N N 60 
HOH O   H1   sing N N 61 
HOH O   H2   sing N N 62 
LEU N   CA   sing N N 63 
LEU N   H    sing N N 64 
LEU N   H2   sing N N 65 
LEU CA  C    sing N N 66 
LEU CA  CB   sing N N 67 
LEU CA  HA   sing N N 68 
LEU C   O    doub N N 69 
LEU C   OXT  sing N N 70 
LEU CB  CG   sing N N 71 
LEU CB  HB2  sing N N 72 
LEU CB  HB3  sing N N 73 
LEU CG  CD1  sing N N 74 
LEU CG  CD2  sing N N 75 
LEU CG  HG   sing N N 76 
LEU CD1 HD11 sing N N 77 
LEU CD1 HD12 sing N N 78 
LEU CD1 HD13 sing N N 79 
LEU CD2 HD21 sing N N 80 
LEU CD2 HD22 sing N N 81 
LEU CD2 HD23 sing N N 82 
LEU OXT HXT  sing N N 83 
MOH C   O    sing N N 84 
MOH C   H1   sing N N 85 
MOH C   H2   sing N N 86 
MOH C   H3   sing N N 87 
MOH O   HO   sing N N 88 
NH2 N   HN1  sing N N 89 
NH2 N   HN2  sing N N 90 
# 
loop_
_pdbx_audit_support.funding_organization 
_pdbx_audit_support.country 
_pdbx_audit_support.grant_number 
_pdbx_audit_support.ordinal 
'National Institutes of Health/National Institute of General Medical Sciences (NIH/NIGMS)' 'United States' 1R35GM15479301    1 
'Department of Energy (DOE, United States)'                                                'United States' DE-AC02-06CH11357 2 
# 
_pdbx_initial_refinement_model.id               1 
_pdbx_initial_refinement_model.entity_id_list   ? 
_pdbx_initial_refinement_model.type             'experimental model' 
_pdbx_initial_refinement_model.source_name      PDB 
_pdbx_initial_refinement_model.accession_code   7TLS 
_pdbx_initial_refinement_model.details          ? 
# 
_space_group.name_H-M_alt     'C 1 2 1' 
_space_group.name_Hall        'C 2y' 
_space_group.IT_number        5 
_space_group.crystal_system   monoclinic 
_space_group.id               1 
# 
_atom_sites.entry_id                    9MDG 
_atom_sites.Cartn_transf_matrix[1][1]   ? 
_atom_sites.Cartn_transf_matrix[1][2]   ? 
_atom_sites.Cartn_transf_matrix[1][3]   ? 
_atom_sites.Cartn_transf_matrix[2][1]   ? 
_atom_sites.Cartn_transf_matrix[2][2]   ? 
_atom_sites.Cartn_transf_matrix[2][3]   ? 
_atom_sites.Cartn_transf_matrix[3][1]   ? 
_atom_sites.Cartn_transf_matrix[3][2]   ? 
_atom_sites.Cartn_transf_matrix[3][3]   ? 
_atom_sites.Cartn_transf_vector[1]      ? 
_atom_sites.Cartn_transf_vector[2]      ? 
_atom_sites.Cartn_transf_vector[3]      ? 
_atom_sites.Cartn_transform_axes        ? 
_atom_sites.fract_transf_matrix[1][1]   0.01372293 
_atom_sites.fract_transf_matrix[1][2]   -0.01429617 
_atom_sites.fract_transf_matrix[1][3]   -0.00722043 
_atom_sites.fract_transf_matrix[2][1]   0.04486428 
_atom_sites.fract_transf_matrix[2][2]   0.04076644 
_atom_sites.fract_transf_matrix[2][3]   0.00455172 
_atom_sites.fract_transf_matrix[3][1]   0.01741346 
_atom_sites.fract_transf_matrix[3][2]   -0.02468460 
_atom_sites.fract_transf_matrix[3][3]   0.04944525 
_atom_sites.fract_transf_vector[1]      0.138042 
_atom_sites.fract_transf_vector[2]      -0.355314 
_atom_sites.fract_transf_vector[3]      0.554786 
_atom_sites.solution_primary            ? 
_atom_sites.solution_secondary          ? 
_atom_sites.solution_hydrogens          ? 
_atom_sites.special_details             ? 
# 
loop_
_atom_type.symbol 
_atom_type.scat_dispersion_real 
_atom_type.scat_dispersion_imag 
_atom_type.scat_Cromer_Mann_a1 
_atom_type.scat_Cromer_Mann_a2 
_atom_type.scat_Cromer_Mann_a3 
_atom_type.scat_Cromer_Mann_a4 
_atom_type.scat_Cromer_Mann_b1 
_atom_type.scat_Cromer_Mann_b2 
_atom_type.scat_Cromer_Mann_b3 
_atom_type.scat_Cromer_Mann_b4 
_atom_type.scat_Cromer_Mann_c 
_atom_type.scat_source 
_atom_type.scat_dispersion_source 
C  ? ? 3.54356  2.42580 ? ? 25.62398 1.50364  ? ? 0.0 
;2-Gaussian fit: Grosse-Kunstleve RW, Sauter NK, Adams PD: Newsletter of the IUCr Commission on Crystallographic Computing 2004, 3, 22-31.
;
? 
CO ? ? 21.85313 5.04979 ? ? 2.45200  36.11361 ? ? 0.0 
;2-Gaussian fit: Grosse-Kunstleve RW, Sauter NK, Adams PD: Newsletter of the IUCr Commission on Crystallographic Computing 2004, 3, 22-31.
;
? 
H  ? ? 0.51345  0.48472 ? ? 24.73122 6.32584  ? ? 0.0 
;2-Gaussian fit: Grosse-Kunstleve RW, Sauter NK, Adams PD: Newsletter of the IUCr Commission on Crystallographic Computing 2004, 3, 22-31.
;
? 
N  ? ? 4.01032  2.96436 ? ? 19.97189 1.75589  ? ? 0.0 
;2-Gaussian fit: Grosse-Kunstleve RW, Sauter NK, Adams PD: Newsletter of the IUCr Commission on Crystallographic Computing 2004, 3, 22-31.
;
? 
O  ? ? 4.49882  3.47563 ? ? 15.80542 1.70748  ? ? 0.0 
;2-Gaussian fit: Grosse-Kunstleve RW, Sauter NK, Adams PD: Newsletter of the IUCr Commission on Crystallographic Computing 2004, 3, 22-31.
;
? 
# 
loop_
_atom_site.group_PDB 
_atom_site.id 
_atom_site.type_symbol 
_atom_site.label_atom_id 
_atom_site.label_alt_id 
_atom_site.label_comp_id 
_atom_site.label_asym_id 
_atom_site.label_entity_id 
_atom_site.label_seq_id 
_atom_site.pdbx_PDB_ins_code 
_atom_site.Cartn_x 
_atom_site.Cartn_y 
_atom_site.Cartn_z 
_atom_site.occupancy 
_atom_site.B_iso_or_equiv 
_atom_site.pdbx_formal_charge 
_atom_site.auth_seq_id 
_atom_site.auth_comp_id 
_atom_site.auth_asym_id 
_atom_site.auth_atom_id 
_atom_site.pdbx_PDB_model_num 
HETATM 1   C  C    . ACE A 1 1  ? 3.01801   6.58918  -4.59673 1.000 13.36547 ? 1   ACE A C    1 
HETATM 2   O  O    . ACE A 1 1  ? 1.85841   6.04761  -4.63684 1.000 15.43742 ? 1   ACE A O    1 
HETATM 3   C  CH3  . ACE A 1 1  ? 3.01732   8.10181  -4.48821 1.000 10.22012 ? 1   ACE A CH3  1 
HETATM 4   H  H1   . ACE A 1 1  ? 2.25227   8.47528  -4.95341 1.000 12.29334 ? 1   ACE A H1   1 
HETATM 5   H  H2   . ACE A 1 1  ? 2.97442   8.37633  -3.55910 1.000 12.29334 ? 1   ACE A H2   1 
HETATM 6   H  H3   . ACE A 1 1  ? 3.82417   8.47138  -4.87965 1.000 12.29334 ? 1   ACE A H3   1 
ATOM   7   N  N    . LEU A 1 2  ? 4.20717   5.82320  -4.74285 1.000 12.22385 ? 2   LEU A N    1 
ATOM   8   C  CA   . LEU A 1 2  ? 4.12721   4.42567  -5.10067 1.000 14.19210 ? 2   LEU A CA   1 
ATOM   9   C  C    . LEU A 1 2  ? 3.42025   3.57509  -4.04353 1.000 14.54846 ? 2   LEU A C    1 
ATOM   10  O  O    . LEU A 1 2  ? 2.52220   2.77046  -4.34575 1.000 13.37510 ? 2   LEU A O    1 
ATOM   11  C  CB   . LEU A 1 2  ? 5.54117   3.90079  -5.32161 1.000 15.40918 ? 2   LEU A CB   1 
ATOM   12  C  CG   . LEU A 1 2  ? 5.66923   2.48741  -5.86490 1.000 17.95080 ? 2   LEU A CG   1 
ATOM   13  C  CD1  . LEU A 1 2  ? 4.86957   2.32491  -7.15852 1.000 20.32039 ? 2   LEU A CD1  1 
ATOM   14  C  CD2  . LEU A 1 2  ? 7.12585   2.17196  -6.09826 1.000 21.02681 ? 2   LEU A CD2  1 
ATOM   15  H  H    . LEU A 1 2  ? 4.67857   6.29965  -5.28272 1.000 14.69782 ? 2   LEU A H    1 
ATOM   16  H  HA   . LEU A 1 2  ? 3.60352   4.33966  -5.91307 1.000 17.05973 ? 2   LEU A HA   1 
ATOM   17  H  HB2  . LEU A 1 2  ? 5.98373   4.48936  -5.95355 1.000 18.52022 ? 2   LEU A HB2  1 
ATOM   18  H  HB3  . LEU A 1 2  ? 6.00434   3.92071  -4.46933 1.000 18.52022 ? 2   LEU A HB3  1 
ATOM   19  H  HG   . LEU A 1 2  ? 5.30787   1.85880  -5.22060 1.000 21.57016 ? 2   LEU A HG   1 
ATOM   20  H  HD11 . LEU A 1 2  ? 5.07216   1.45952  -7.54823 1.000 24.41367 ? 2   LEU A HD11 1 
ATOM   21  H  HD12 . LEU A 1 2  ? 3.92281   2.38226  -6.95467 1.000 24.41367 ? 2   LEU A HD12 1 
ATOM   22  H  HD13 . LEU A 1 2  ? 5.11806   3.03133  -7.77461 1.000 24.41367 ? 2   LEU A HD13 1 
ATOM   23  H  HD21 . LEU A 1 2  ? 7.19835   1.28938  -6.49409 1.000 25.26137 ? 2   LEU A HD21 1 
ATOM   24  H  HD22 . LEU A 1 2  ? 7.50088   2.83574  -6.69817 1.000 25.26137 ? 2   LEU A HD22 1 
ATOM   25  H  HD23 . LEU A 1 2  ? 7.59348   2.19316  -5.24808 1.000 25.26137 ? 2   LEU A HD23 1 
HETATM 26  N  N    . AIB A 1 3  ? 3.86395   3.70417  -2.80177 1.000 12.63393 ? 3   AIB A N    1 
HETATM 27  C  CA   . AIB A 1 3  ? 3.24867   2.97344  -1.71826 1.000 14.54268 ? 3   AIB A CA   1 
HETATM 28  C  C    . AIB A 1 3  ? 1.71871   3.07650  -1.70455 1.000 13.47281 ? 3   AIB A C    1 
HETATM 29  O  O    . AIB A 1 3  ? 0.96273   2.10127  -1.58534 1.000 11.48251 ? 3   AIB A O    1 
HETATM 30  C  CB1  . AIB A 1 3  ? 3.60096   1.47720  -1.80649 1.000 15.81333 ? 3   AIB A CB1  1 
HETATM 31  C  CB2  . AIB A 1 3  ? 3.69733   3.48256  -0.33657 1.000 13.30879 ? 3   AIB A CB2  1 
HETATM 32  H  H    . AIB A 1 3  ? 4.78924   3.99749  -2.55582 1.000 15.18991 ? 3   AIB A H    1 
HETATM 33  H  HB11 . AIB A 1 3  ? 2.97854   0.90015  -1.08085 1.000 19.00520 ? 3   AIB A HB11 1 
HETATM 34  H  HB12 . AIB A 1 3  ? 3.40279   1.10382  -2.83951 1.000 19.00520 ? 3   AIB A HB12 1 
HETATM 35  H  HB13 . AIB A 1 3  ? 4.68022   1.32852  -1.56356 1.000 19.00520 ? 3   AIB A HB13 1 
HETATM 36  H  HB21 . AIB A 1 3  ? 3.01081   3.07298  0.44252  1.000 15.99975 ? 3   AIB A HB21 1 
HETATM 37  H  HB22 . AIB A 1 3  ? 4.74157   3.13630  -0.14243 1.000 15.99975 ? 3   AIB A HB22 1 
HETATM 38  H  HB23 . AIB A 1 3  ? 3.65822   4.59845  -0.32937 1.000 15.99975 ? 3   AIB A HB23 1 
ATOM   39  N  N    . GLU A 1 4  ? 1.24433   4.31315  -1.81424 1.000 13.35383 ? 4   GLU A N    1 
ATOM   40  C  CA   . GLU A 1 4  ? -0.19257  4.57608  -1.83904 1.000 13.19046 ? 4   GLU A CA   1 
ATOM   41  C  C    . GLU A 1 4  ? -0.86228  3.91792  -3.01925 1.000 16.65084 ? 4   GLU A C    1 
ATOM   42  O  O    . GLU A 1 4  ? -1.89764  3.23288  -2.89231 1.000 14.59837 ? 4   GLU A O    1 
ATOM   43  C  CB   . GLU A 1 4  ? -0.47009  6.07448  -1.90614 1.000 18.18103 ? 4   GLU A CB   1 
ATOM   44  C  CG   . GLU A 1 4  ? -0.20533  6.78523  -0.63792 1.000 23.83418 ? 4   GLU A CG   1 
ATOM   45  C  CD   . GLU A 1 4  ? -1.22144  6.48021  0.45007  1.000 22.83791 ? 4   GLU A CD   1 
ATOM   46  O  OE1  . GLU A 1 4  ? -2.21213  5.72109  0.21257  1.000 19.61626 ? 4   GLU A OE1  1 
ATOM   47  O  OE2  . GLU A 1 4  ? -0.97870  7.00389  1.55413  1.000 22.52989 ? 4   GLU A OE2  1 
ATOM   48  H  H    . GLU A 1 4  ? 1.73292   5.01836  -1.87448 1.000 16.05380 ? 4   GLU A H    1 
ATOM   49  H  HA   . GLU A 1 4  ? -0.57097  4.21536  -1.02220 1.000 15.85775 ? 4   GLU A HA   1 
ATOM   50  H  HB2  . GLU A 1 4  ? 0.09592   6.46585  -2.58976 1.000 21.84643 ? 4   GLU A HB2  1 
ATOM   51  H  HB3  . GLU A 1 4  ? -1.40390  6.20885  -2.13245 1.000 21.84643 ? 4   GLU A HB3  1 
ATOM   52  H  HG2  . GLU A 1 4  ? 0.66949   6.52400  -0.31003 1.000 28.63021 ? 4   GLU A HG2  1 
ATOM   53  H  HG3  . GLU A 1 4  ? -0.22603  7.74065  -0.80404 1.000 28.63021 ? 4   GLU A HG3  1 
HETATM 54  N  N    . AIB A 1 5  ? -0.32000  4.18034  -4.19717 1.000 13.54933 ? 5   AIB A N    1 
HETATM 55  C  CA   . AIB A 1 5  ? -0.92020  3.69473  -5.41767 1.000 15.00985 ? 5   AIB A CA   1 
HETATM 56  C  C    . AIB A 1 5  ? -1.11609  2.15879  -5.44985 1.000 20.83574 ? 5   AIB A C    1 
HETATM 57  O  O    . AIB A 1 5  ? -2.17167  1.61759  -5.82406 1.000 17.66124 ? 5   AIB A O    1 
HETATM 58  C  CB1  . AIB A 1 5  ? -2.28561  4.41104  -5.62684 1.000 21.35403 ? 5   AIB A CB1  1 
HETATM 59  C  CB2  . AIB A 1 5  ? -0.00232  4.04736  -6.59143 1.000 17.09611 ? 5   AIB A CB2  1 
HETATM 60  H  H    . AIB A 1 5  ? 0.28218   4.95812  -4.38423 1.000 16.28840 ? 5   AIB A H    1 
HETATM 61  H  HB11 . AIB A 1 5  ? -2.94109  3.78728  -6.28044 1.000 25.65404 ? 5   AIB A HB11 1 
HETATM 62  H  HB12 . AIB A 1 5  ? -2.78621  4.56263  -4.64128 1.000 25.65404 ? 5   AIB A HB12 1 
HETATM 63  H  HB13 . AIB A 1 5  ? -2.11982  5.40255  -6.11132 1.000 25.65404 ? 5   AIB A HB13 1 
HETATM 64  H  HB21 . AIB A 1 5  ? -0.30879  3.45273  -7.48698 1.000 20.54454 ? 5   AIB A HB21 1 
HETATM 65  H  HB22 . AIB A 1 5  ? -0.09396  5.13901  -6.81104 1.000 20.54454 ? 5   AIB A HB22 1 
HETATM 66  H  HB23 . AIB A 1 5  ? 1.05255   3.80264  -6.31636 1.000 20.54454 ? 5   AIB A HB23 1 
ATOM   67  N  N    A LEU A 1 6  ? -0.06203  1.44765  -5.06282 0.608 22.90564 ? 6   LEU A N    1 
ATOM   68  N  N    B LEU A 1 6  ? -0.08101  1.45614  -4.96518 0.392 27.35693 ? 6   LEU A N    1 
ATOM   69  C  CA   A LEU A 1 6  ? -0.10052  -0.00506 -5.02802 0.608 31.22330 ? 6   LEU A CA   1 
ATOM   70  C  CA   B LEU A 1 6  ? -0.08503  -0.02516 -5.05406 0.392 34.56707 ? 6   LEU A CA   1 
ATOM   71  C  C    A LEU A 1 6  ? -1.10765  -0.54328 -4.02330 0.608 25.61889 ? 6   LEU A C    1 
ATOM   72  C  C    B LEU A 1 6  ? -0.97769  -0.60920 -3.96603 0.392 28.50890 ? 6   LEU A C    1 
ATOM   73  O  O    A LEU A 1 6  ? -1.72727  -1.57335 -4.23612 0.608 22.19567 ? 6   LEU A O    1 
ATOM   74  O  O    B LEU A 1 6  ? -1.62582  -1.60079 -4.26914 0.392 31.04374 ? 6   LEU A O    1 
ATOM   75  C  CB   A LEU A 1 6  ? 1.26397   -0.57527 -4.66239 0.608 39.15424 ? 6   LEU A CB   1 
ATOM   76  C  CB   B LEU A 1 6  ? 1.34199   -0.54273 -4.93494 0.392 45.59767 ? 6   LEU A CB   1 
ATOM   77  C  CG   A LEU A 1 6  ? 1.33491   -2.10782 -4.64388 0.608 44.63212 ? 6   LEU A CG   1 
ATOM   78  C  CG   B LEU A 1 6  ? 2.29330   -0.12216 -6.05844 0.392 53.45077 ? 6   LEU A CG   1 
ATOM   79  C  CD1  A LEU A 1 6  ? 1.35954   -2.70647 -6.04242 0.608 47.84743 ? 6   LEU A CD1  1 
ATOM   80  C  CD1  B LEU A 1 6  ? 3.67872   -0.66909 -5.81393 0.392 58.21710 ? 6   LEU A CD1  1 
ATOM   81  C  CD2  A LEU A 1 6  ? 2.50810   -2.61264 -3.84659 0.608 47.09495 ? 6   LEU A CD2  1 
ATOM   82  C  CD2  B LEU A 1 6  ? 1.77213   -0.54853 -7.41313 0.392 54.80615 ? 6   LEU A CD2  1 
ATOM   83  H  H    A LEU A 1 6  ? 0.68954   1.78584  -4.81532 0.608 27.51597 ? 6   LEU A H    1 
ATOM   84  H  H    B LEU A 1 6  ? 0.75313   1.79887  -4.95777 0.392 32.85752 ? 6   LEU A H    1 
ATOM   85  H  HA   A LEU A 1 6  ? -0.35939  -0.29963 -5.91477 0.608 37.49716 ? 6   LEU A HA   1 
ATOM   86  H  HA   B LEU A 1 6  ? -0.45445  -0.28700 -5.93241 0.392 41.50969 ? 6   LEU A HA   1 
ATOM   87  H  HB2  A LEU A 1 6  ? 1.91314   -0.26004 -5.31019 0.608 47.01429 ? 6   LEU A HB2  1 
ATOM   88  H  HB2  B LEU A 1 6  ? 1.71204   -0.22227 -4.08029 0.392 54.74641 ? 6   LEU A HB2  1 
ATOM   89  H  HB3  A LEU A 1 6  ? 1.50102   -0.26113 -3.77577 0.608 47.01429 ? 6   LEU A HB3  1 
ATOM   90  H  HB3  B LEU A 1 6  ? 1.30997   -1.52621 -4.90606 0.392 54.74641 ? 6   LEU A HB3  1 
ATOM   91  H  HG   A LEU A 1 6  ? 0.52276   -2.41078 -4.20911 0.608 53.58775 ? 6   LEU A HG   1 
ATOM   92  H  HG   B LEU A 1 6  ? 2.35607   0.86458  -6.05902 0.392 64.17012 ? 6   LEU A HG   1 
ATOM   93  H  HD11 A LEU A 1 6  ? 1.50067   -3.66437 -5.97269 0.608 57.44612 ? 6   LEU A HD11 1 
ATOM   94  H  HD11 B LEU A 1 6  ? 4.22378   -0.53614 -6.60748 0.392 69.88972 ? 6   LEU A HD11 1 
ATOM   95  H  HD12 A LEU A 1 6  ? 0.51197   -2.52728 -6.47829 0.608 57.44612 ? 6   LEU A HD12 1 
ATOM   96  H  HD12 B LEU A 1 6  ? 4.08220   -0.20233 -5.06325 0.392 69.88972 ? 6   LEU A HD12 1 
ATOM   97  H  HD13 A LEU A 1 6  ? 2.08311   -2.30131 -6.54615 0.608 57.44612 ? 6   LEU A HD13 1 
ATOM   98  H  HD13 B LEU A 1 6  ? 3.62069   -1.61765 -5.61432 0.392 69.88972 ? 6   LEU A HD13 1 
ATOM   99  H  HD21 A LEU A 1 6  ? 2.40194   -3.56533 -3.69654 0.608 56.54314 ? 6   LEU A HD21 1 
ATOM   100 H  HD21 B LEU A 1 6  ? 2.51567   -0.65850 -8.02754 0.392 65.79658 ? 6   LEU A HD21 1 
ATOM   101 H  HD22 A LEU A 1 6  ? 3.32380   -2.44522 -4.34442 0.608 56.54314 ? 6   LEU A HD22 1 
ATOM   102 H  HD22 B LEU A 1 6  ? 1.29582   -1.39104 -7.32615 0.392 65.79658 ? 6   LEU A HD22 1 
ATOM   103 H  HD23 A LEU A 1 6  ? 2.53772   -2.14503 -2.99780 0.608 56.54314 ? 6   LEU A HD23 1 
ATOM   104 H  HD23 B LEU A 1 6  ? 1.16627   0.13113  -7.75575 0.392 65.79658 ? 6   LEU A HD23 1 
ATOM   105 N  N    . HIS A 1 7  ? -1.21771  0.11629  -2.87597 1.000 15.89112 ? 7   HIS A N    1 
ATOM   106 C  CA   . HIS A 1 7  ? -2.16773  -0.35307 -1.87572 1.000 12.21840 ? 7   HIS A CA   1 
ATOM   107 C  C    . HIS A 1 7  ? -3.59672  -0.21193 -2.38363 1.000 11.79057 ? 7   HIS A C    1 
ATOM   108 O  O    . HIS A 1 7  ? -4.44965  -1.05846 -2.08751 1.000 13.64644 ? 7   HIS A O    1 
ATOM   109 C  CB   . HIS A 1 7  ? -1.89270  0.32491  -0.52202 1.000 11.78349 ? 7   HIS A CB   1 
ATOM   110 C  CG   . HIS A 1 7  ? -2.98258  1.21451  -0.01750 1.000 15.41539 ? 7   HIS A CG   1 
ATOM   111 N  ND1  . HIS A 1 7  ? -3.13882  2.51352  -0.44248 1.000 16.72766 ? 7   HIS A ND1  1 
ATOM   112 C  CD2  . HIS A 1 7  ? -3.93500  1.01095  0.92292  1.000 14.45008 ? 7   HIS A CD2  1 
ATOM   113 C  CE1  . HIS A 1 7  ? -4.16719  3.05961  0.18177  1.000 17.44024 ? 7   HIS A CE1  1 
ATOM   114 N  NE2  . HIS A 1 7  ? -4.67228  2.16599  1.01039  1.000 16.95572 ? 7   HIS A NE2  1 
ATOM   115 H  H    . HIS A 1 7  ? -0.76945  0.81695  -2.65826 1.000 19.09855 ? 7   HIS A H    1 
ATOM   116 H  HA   . HIS A 1 7  ? -2.04848  -1.29914 -1.69629 1.000 14.69128 ? 7   HIS A HA   1 
ATOM   117 H  HB2  . HIS A 1 7  ? -1.75402  -0.36721 0.14298  1.000 14.16938 ? 7   HIS A HB2  1 
ATOM   118 H  HB3  . HIS A 1 7  ? -1.09371  0.86743  -0.60873 1.000 14.16938 ? 7   HIS A HB3  1 
ATOM   119 H  HD1  . HIS A 1 7  ? -2.64378  2.90898  -1.02407 1.000 20.10239 ? 7   HIS A HD1  1 
ATOM   120 H  HD2  . HIS A 1 7  ? -4.06614  0.23377  1.41665  1.000 17.36930 ? 7   HIS A HD2  1 
ATOM   121 H  HE1  . HIS A 1 7  ? -4.48043  3.92664  0.05814  1.000 20.95749 ? 7   HIS A HE1  1 
ATOM   122 N  N    . LEU A 1 8  ? -3.86193  0.76929  -3.22888 1.000 11.18428 ? 8   LEU A N    1 
ATOM   123 C  CA   . LEU A 1 8  ? -5.18457  0.84909  -3.84822 1.000 12.35749 ? 8   LEU A CA   1 
ATOM   124 C  C    . LEU A 1 8  ? -5.40177  -0.27534 -4.84518 1.000 11.22347 ? 8   LEU A C    1 
ATOM   125 O  O    . LEU A 1 8  ? -6.47195  -0.88939 -4.86390 1.000 13.26556 ? 8   LEU A O    1 
ATOM   126 C  CB   . LEU A 1 8  ? -5.39315  2.18755  -4.55147 1.000 19.41504 ? 8   LEU A CB   1 
ATOM   127 C  CG   . LEU A 1 8  ? -5.55173  3.37456  -3.60303 1.000 22.87910 ? 8   LEU A CG   1 
ATOM   128 C  CD1  . LEU A 1 8  ? -6.02460  4.58308  -4.41049 1.000 25.10110 ? 8   LEU A CD1  1 
ATOM   129 C  CD2  . LEU A 1 8  ? -6.49308  3.08593  -2.43710 1.000 24.03298 ? 8   LEU A CD2  1 
ATOM   130 H  H    . LEU A 1 8  ? -3.31026  1.38823  -3.45870 1.000 13.45033 ? 8   LEU A H    1 
ATOM   131 H  HA   . LEU A 1 8  ? -5.84493  0.77072  -3.14151 1.000 14.85819 ? 8   LEU A HA   1 
ATOM   132 H  HB2  . LEU A 1 8  ? -4.62521  2.36284  -5.11644 1.000 23.32725 ? 8   LEU A HB2  1 
ATOM   133 H  HB3  . LEU A 1 8  ? -6.19724  2.13208  -5.09050 1.000 23.32725 ? 8   LEU A HB3  1 
ATOM   134 H  HG   . LEU A 1 8  ? -4.69331  3.56671  -3.19420 1.000 27.48412 ? 8   LEU A HG   1 
ATOM   135 H  HD11 . LEU A 1 8  ? -6.09174  5.35005  -3.81997 1.000 30.15052 ? 8   LEU A HD11 1 
ATOM   136 H  HD12 . LEU A 1 8  ? -5.38308  4.76390  -5.11450 1.000 30.15052 ? 8   LEU A HD12 1 
ATOM   137 H  HD13 . LEU A 1 8  ? -6.89167  4.38598  -4.79649 1.000 30.15052 ? 8   LEU A HD13 1 
ATOM   138 H  HD21 . LEU A 1 8  ? -6.68311  3.91556  -1.97123 1.000 28.86878 ? 8   LEU A HD21 1 
ATOM   139 H  HD22 . LEU A 1 8  ? -7.31625  2.70465  -2.78168 1.000 28.86878 ? 8   LEU A HD22 1 
ATOM   140 H  HD23 . LEU A 1 8  ? -6.06542  2.45840  -1.83343 1.000 28.86878 ? 8   LEU A HD23 1 
HETATM 141 N  N    . AIB A 1 9  ? -4.41485  -0.50039 -5.70588 1.000 12.49784 ? 9   AIB A N    1 
HETATM 142 C  CA   . AIB A 1 9  ? -4.44308  -1.58436 -6.67068 1.000 12.46207 ? 9   AIB A CA   1 
HETATM 143 C  C    . AIB A 1 9  ? -4.75765  -2.96379 -6.08020 1.000 11.00216 ? 9   AIB A C    1 
HETATM 144 O  O    . AIB A 1 9  ? -5.51623  -3.78794 -6.62058 1.000 12.55096 ? 9   AIB A O    1 
HETATM 145 C  CB1  . AIB A 1 9  ? -5.51833  -1.28018 -7.73154 1.000 12.62548 ? 9   AIB A CB1  1 
HETATM 146 C  CB2  . AIB A 1 9  ? -3.08575  -1.68278 -7.40174 1.000 15.72726 ? 9   AIB A CB2  1 
HETATM 147 H  H    . AIB A 1 9  ? -3.76951  0.20127  -6.01060 1.000 15.02661 ? 9   AIB A H    1 
HETATM 148 H  HB11 . AIB A 1 9  ? -5.72206  -2.19808 -8.33365 1.000 15.17977 ? 9   AIB A HB11 1 
HETATM 149 H  HB12 . AIB A 1 9  ? -6.45951  -0.95187 -7.23148 1.000 15.17977 ? 9   AIB A HB12 1 
HETATM 150 H  HB13 . AIB A 1 9  ? -5.15943  -0.46917 -8.40929 1.000 15.17977 ? 9   AIB A HB13 1 
HETATM 151 H  HB21 . AIB A 1 9  ? -3.16708  -2.43835 -8.22022 1.000 18.90192 ? 9   AIB A HB21 1 
HETATM 152 H  HB22 . AIB A 1 9  ? -2.82924  -0.68391 -7.83129 1.000 18.90192 ? 9   AIB A HB22 1 
HETATM 153 H  HB23 . AIB A 1 9  ? -2.30071  -1.99595 -6.67207 1.000 18.90192 ? 9   AIB A HB23 1 
ATOM   154 N  N    . LEU A 1 10 ? -4.17920  -3.20415 -4.91448 1.000 12.36994 ? 10  LEU A N    1 
ATOM   155 C  CA   . LEU A 1 10 ? -4.24136  -4.52135 -4.29745 1.000 11.81699 ? 10  LEU A CA   1 
ATOM   156 C  C    . LEU A 1 10 ? -5.50374  -4.68876 -3.49700 1.000 16.60826 ? 10  LEU A C    1 
ATOM   157 O  O    . LEU A 1 10 ? -5.90086  -5.82299 -3.24722 1.000 16.99074 ? 10  LEU A O    1 
ATOM   158 C  CB   . LEU A 1 10 ? -3.03954  -4.74849 -3.38451 1.000 11.93115 ? 10  LEU A CB   1 
ATOM   159 C  CG   . LEU A 1 10 ? -1.68768  -4.84389 -4.08870 1.000 16.44030 ? 10  LEU A CG   1 
ATOM   160 C  CD1  . LEU A 1 10 ? -0.56186  -5.01828 -3.05937 1.000 20.14211 ? 10  LEU A CD1  1 
ATOM   161 C  CD2  . LEU A 1 10 ? -1.73442  -5.96571 -5.11978 1.000 22.25910 ? 10  LEU A CD2  1 
ATOM   162 H  H    . LEU A 1 10 ? -3.74311  -2.62111 -4.45824 1.000 14.87313 ? 10  LEU A H    1 
ATOM   163 H  HA   . LEU A 1 10 ? -4.22688  -5.18779 -5.00205 1.000 14.20959 ? 10  LEU A HA   1 
ATOM   164 H  HB2  . LEU A 1 10 ? -2.98885  -4.00923 -2.75908 1.000 14.34658 ? 10  LEU A HB2  1 
ATOM   165 H  HB3  . LEU A 1 10 ? -3.17498  -5.58050 -2.90492 1.000 14.34658 ? 10  LEU A HB3  1 
ATOM   166 H  HG   . LEU A 1 10 ? -1.48772  -4.02346 -4.56632 1.000 19.75757 ? 10  LEU A HG   1 
ATOM   167 H  HD11 . LEU A 1 10 ? 0.28813   -5.05324 -3.52500 1.000 24.19973 ? 10  LEU A HD11 1 
ATOM   168 H  HD12 . LEU A 1 10 ? -0.57389  -4.26505 -2.44824 1.000 24.19973 ? 10  LEU A HD12 1 
ATOM   169 H  HD13 . LEU A 1 10 ? -0.70663  -5.84398 -2.57100 1.000 24.19973 ? 10  LEU A HD13 1 
ATOM   170 H  HD21 . LEU A 1 10 ? -0.82878  -6.24983 -5.31807 1.000 26.74012 ? 10  LEU A HD21 1 
ATOM   171 H  HD22 . LEU A 1 10 ? -2.24248  -6.70716 -4.75671 1.000 26.74012 ? 10  LEU A HD22 1 
ATOM   172 H  HD23 . LEU A 1 10 ? -2.16092  -5.63450 -5.92570 1.000 26.74012 ? 10  LEU A HD23 1 
HETATM 173 N  N    . NH2 A 1 11 ? -6.36646  -3.60254 -3.15949 1.000 17.98005 ? 11  NH2 A N    1 
HETATM 174 H  HN1  . NH2 A 1 11 ? -6.60961  -3.18532 -3.91204 1.000 21.60526 ? 11  NH2 A HN1  1 
HETATM 175 H  HN2  . NH2 A 1 11 ? -5.73242  -3.09081 -2.80036 1.000 21.60526 ? 11  NH2 A HN2  1 
HETATM 176 C  C    . ACE B 1 1  ? -4.13283  -5.46771 5.53941  1.000 15.26491 ? 1   ACE B C    1 
HETATM 177 O  O    . ACE B 1 1  ? -3.49225  -4.46728 6.01130  1.000 15.23429 ? 1   ACE B O    1 
HETATM 178 C  CH3  . ACE B 1 1  ? -5.40333  -5.77397 6.24762  1.000 13.38864 ? 1   ACE B CH3  1 
HETATM 179 H  H1   . ACE B 1 1  ? -5.39770  -5.38584 7.13666  1.000 16.09557 ? 1   ACE B H1   1 
HETATM 180 H  H2   . ACE B 1 1  ? -6.15940  -5.41239 5.76043  1.000 16.09557 ? 1   ACE B H2   1 
HETATM 181 H  H3   . ACE B 1 1  ? -5.52342  -6.73230 6.33179  1.000 16.09557 ? 1   ACE B H3   1 
ATOM   182 N  N    . LEU B 1 2  ? -3.46557  -6.59758 4.98175  1.000 14.67211 ? 2   LEU B N    1 
ATOM   183 C  CA   . LEU B 1 2  ? -2.06951  -6.52256 4.58614  1.000 15.93690 ? 2   LEU B CA   1 
ATOM   184 C  C    . LEU B 1 2  ? -1.72985  -5.33723 3.68368  1.000 14.24597 ? 2   LEU B C    1 
ATOM   185 O  O    . LEU B 1 2  ? -0.76342  -4.62054 3.96596  1.000 16.63883 ? 2   LEU B O    1 
ATOM   186 C  CB   . LEU B 1 2  ? -1.64878  -7.82506 3.91780  1.000 19.04727 ? 2   LEU B CB   1 
ATOM   187 C  CG   . LEU B 1 2  ? -0.13801  -7.88843 3.72441  1.000 19.77831 ? 2   LEU B CG   1 
ATOM   188 C  CD1  . LEU B 1 2  ? 0.53521   -8.11372 5.07639  1.000 18.96083 ? 2   LEU B CD1  1 
ATOM   189 C  CD2  . LEU B 1 2  ? 0.15310   -8.98824 2.75877  1.000 27.09834 ? 2   LEU B CD2  1 
ATOM   190 H  H    . LEU B 1 2  ? -3.73914  -7.39252 5.16873  1.000 17.63573 ? 2   LEU B H    1 
ATOM   191 H  HA   . LEU B 1 2  ? -1.55218  -6.38599 5.39555  1.000 19.15348 ? 2   LEU B HA   1 
ATOM   192 H  HB2  . LEU B 1 2  ? -1.91800  -8.57207 4.47405  1.000 22.88593 ? 2   LEU B HB2  1 
ATOM   193 H  HB3  . LEU B 1 2  ? -2.07132  -7.88908 3.04677  1.000 22.88593 ? 2   LEU B HB3  1 
ATOM   194 H  HG   . LEU B 1 2  ? 0.21915   -7.06190 3.36556  1.000 23.76318 ? 2   LEU B HG   1 
ATOM   195 H  HD11 . LEU B 1 2  ? 1.47136   -8.32260 4.93187  1.000 22.78220 ? 2   LEU B HD11 1 
ATOM   196 H  HD12 . LEU B 1 2  ? 0.45482   -7.30615 5.60748  1.000 22.78220 ? 2   LEU B HD12 1 
ATOM   197 H  HD13 . LEU B 1 2  ? 0.09739   -8.85151 5.52904  1.000 22.78220 ? 2   LEU B HD13 1 
ATOM   198 H  HD21 . LEU B 1 2  ? 1.11250   -9.12174 2.71167  1.000 32.54721 ? 2   LEU B HD21 1 
ATOM   199 H  HD22 . LEU B 1 2  ? -0.27891  -9.80122 3.06637  1.000 32.54721 ? 2   LEU B HD22 1 
ATOM   200 H  HD23 . LEU B 1 2  ? -0.19003  -8.74133 1.88609  1.000 32.54721 ? 2   LEU B HD23 1 
HETATM 201 N  N    . AIB B 1 3  ? -2.48032  -5.14655 2.60178  1.000 14.64362 ? 3   AIB B N    1 
HETATM 202 C  CA   . AIB B 1 3  ? -2.19461  -4.05655 1.68245  1.000 16.06268 ? 3   AIB B CA   1 
HETATM 203 C  C    . AIB B 1 3  ? -2.05960  -2.71033 2.41127  1.000 12.61904 ? 3   AIB B C    1 
HETATM 204 O  O    . AIB B 1 3  ? -1.11921  -1.90941 2.20923  1.000 12.65962 ? 3   AIB B O    1 
HETATM 205 C  CB1  . AIB B 1 3  ? -0.86052  -4.27921 0.94442  1.000 19.57681 ? 3   AIB B CB1  1 
HETATM 206 C  CB2  . AIB B 1 3  ? -3.30069  -3.86665 0.62696  1.000 15.09202 ? 3   AIB B CB2  1 
HETATM 207 H  H    . AIB B 1 3  ? -3.42621  -5.45879 2.50129  1.000 17.60154 ? 3   AIB B H    1 
HETATM 208 H  HB11 . AIB B 1 3  ? -0.66382  -3.42415 0.25555  1.000 23.52137 ? 3   AIB B HB11 1 
HETATM 209 H  HB12 . AIB B 1 3  ? -0.02841  -4.35447 1.68371  1.000 23.52137 ? 3   AIB B HB12 1 
HETATM 210 H  HB13 . AIB B 1 3  ? -0.91147  -5.22468 0.35208  1.000 23.52137 ? 3   AIB B HB13 1 
HETATM 211 H  HB21 . AIB B 1 3  ? -3.00754  -3.03864 -0.06251 1.000 18.13963 ? 3   AIB B HB21 1 
HETATM 212 H  HB22 . AIB B 1 3  ? -3.42126  -4.81638 0.05115  1.000 18.13963 ? 3   AIB B HB22 1 
HETATM 213 H  HB23 . AIB B 1 3  ? -4.25782  -3.61201 1.14272  1.000 18.13963 ? 3   AIB B HB23 1 
ATOM   214 N  N    . GLU B 1 4  ? -3.01704  -2.47533 3.30640  1.000 14.76981 ? 4   GLU B N    1 
ATOM   215 C  CA   . GLU B 1 4  ? -3.06445  -1.22247 4.05168  1.000 18.55981 ? 4   GLU B CA   1 
ATOM   216 C  C    . GLU B 1 4  ? -1.85793  -1.11584 4.93390  1.000 17.28308 ? 4   GLU B C    1 
ATOM   217 O  O    . GLU B 1 4  ? -1.16279  -0.08925 4.95433  1.000 15.25192 ? 4   GLU B O    1 
ATOM   218 C  CB   . GLU B 1 4  ? -4.30448  -1.14586 4.94382  1.000 18.94109 ? 4   GLU B CB   1 
ATOM   219 C  CG   . GLU B 1 4  ? -5.56277  -0.81565 4.22526  1.000 23.93350 ? 4   GLU B CG   1 
ATOM   220 C  CD   . GLU B 1 4  ? -5.60354  0.61665  3.79219  1.000 20.95469 ? 4   GLU B CD   1 
ATOM   221 O  OE1  . GLU B 1 4  ? -4.65982  1.37824  4.13652  1.000 19.63596 ? 4   GLU B OE1  1 
ATOM   222 O  OE2  . GLU B 1 4  ? -6.58412  0.97043  3.10361  1.000 21.60395 ? 4   GLU B OE2  1 
ATOM   223 H  H    . GLU B 1 4  ? -3.64987  -3.02463 3.49878  1.000 17.75297 ? 4   GLU B H    1 
ATOM   224 H  HA   . GLU B 1 4  ? -3.09586  -0.48930 3.41745  1.000 22.30098 ? 4   GLU B HA   1 
ATOM   225 H  HB2  . GLU B 1 4  ? -4.42994  -2.00704 5.37252  1.000 22.75851 ? 4   GLU B HB2  1 
ATOM   226 H  HB3  . GLU B 1 4  ? -4.16090  -0.46003 5.61299  1.000 22.75851 ? 4   GLU B HB3  1 
ATOM   227 H  HG2  . GLU B 1 4  ? -5.63437  -1.37337 3.43533  1.000 28.74940 ? 4   GLU B HG2  1 
ATOM   228 H  HG3  . GLU B 1 4  ? -6.31691  -0.97596 4.81395  1.000 28.74940 ? 4   GLU B HG3  1 
HETATM 229 N  N    . AIB B 1 5  ? -1.60762  -2.15273 5.71675  1.000 16.43322 ? 5   AIB B N    1 
HETATM 230 C  CA   . AIB B 1 5  ? -0.62392  -2.05437 6.78582  1.000 20.19931 ? 5   AIB B CA   1 
HETATM 231 C  C    . AIB B 1 5  ? 0.74421   -1.73500 6.19976  1.000 19.82191 ? 5   AIB B C    1 
HETATM 232 O  O    . AIB B 1 5  ? 1.53371   -0.92621 6.66650  1.000 16.68130 ? 5   AIB B O    1 
HETATM 233 C  CB1  . AIB B 1 5  ? -0.99130  -1.00002 7.85523  1.000 23.11914 ? 5   AIB B CB1  1 
HETATM 234 C  CB2  . AIB B 1 5  ? -0.46658  -3.40029 7.49987  1.000 17.57024 ? 5   AIB B CB2  1 
HETATM 235 H  H    . AIB B 1 5  ? -1.77086  -3.10820 5.46599  1.000 19.74907 ? 5   AIB B H    1 
HETATM 236 H  HB11 . AIB B 1 5  ? -0.06013  -0.56245 8.28714  1.000 27.77217 ? 5   AIB B HB11 1 
HETATM 237 H  HB12 . AIB B 1 5  ? -1.59841  -0.18744 7.38956  1.000 27.77217 ? 5   AIB B HB12 1 
HETATM 238 H  HB13 . AIB B 1 5  ? -1.58308  -1.48055 8.66983  1.000 27.77217 ? 5   AIB B HB13 1 
HETATM 239 H  HB21 . AIB B 1 5  ? 0.28826   -3.29467 8.31566  1.000 21.11349 ? 5   AIB B HB21 1 
HETATM 240 H  HB22 . AIB B 1 5  ? -1.45225  -3.70268 7.93041  1.000 21.11349 ? 5   AIB B HB22 1 
HETATM 241 H  HB23 . AIB B 1 5  ? -0.12372  -4.16647 6.76225  1.000 21.11349 ? 5   AIB B HB23 1 
ATOM   242 N  N    . LEU B 1 6  ? 1.04531   -2.44348 5.11660  1.000 18.25144 ? 6   LEU B N    1 
ATOM   243 C  CA   . LEU B 1 6  ? 2.36508   -2.33743 4.51374  1.000 18.64741 ? 6   LEU B CA   1 
ATOM   244 C  C    . LEU B 1 6  ? 2.55961   -0.99071 3.83670  1.000 13.98502 ? 6   LEU B C    1 
ATOM   245 O  O    . LEU B 1 6  ? 3.69412   -0.46885 3.80667  1.000 14.76383 ? 6   LEU B O    1 
ATOM   246 C  CB   . LEU B 1 6  ? 2.61408   -3.44964 3.51337  1.000 19.10781 ? 6   LEU B CB   1 
ATOM   247 C  CG   . LEU B 1 6  ? 2.59276   -4.87402 4.06016  1.000 25.19227 ? 6   LEU B CG   1 
ATOM   248 C  CD1  . LEU B 1 6  ? 3.41789   -5.74744 3.13549  1.000 28.54799 ? 6   LEU B CD1  1 
ATOM   249 C  CD2  . LEU B 1 6  ? 3.06818   -4.98687 5.51333  1.000 28.99380 ? 6   LEU B CD2  1 
ATOM   250 H  H    . LEU B 1 6  ? 0.50904   -2.98552 4.71963  1.000 21.93093 ? 6   LEU B H    1 
ATOM   251 H  HA   . LEU B 1 6  ? 3.02162   -2.42336 5.22281  1.000 22.40610 ? 6   LEU B HA   1 
ATOM   252 H  HB2  . LEU B 1 6  ? 1.92862   -3.39730 2.82935  1.000 22.95858 ? 6   LEU B HB2  1 
ATOM   253 H  HB3  . LEU B 1 6  ? 3.48870   -3.30934 3.11837  1.000 22.95858 ? 6   LEU B HB3  1 
ATOM   254 H  HG   . LEU B 1 6  ? 1.67457   -5.18599 4.08482  1.000 30.25992 ? 6   LEU B HG   1 
ATOM   255 H  HD11 . LEU B 1 6  ? 3.50327   -6.63070 3.52696  1.000 34.28679 ? 6   LEU B HD11 1 
ATOM   256 H  HD12 . LEU B 1 6  ? 2.97068   -5.80798 2.27606  1.000 34.28679 ? 6   LEU B HD12 1 
ATOM   257 H  HD13 . LEU B 1 6  ? 4.29540   -5.34828 3.02455  1.000 34.28679 ? 6   LEU B HD13 1 
ATOM   258 H  HD21 . LEU B 1 6  ? 3.23462   -5.91936 5.72043  1.000 34.82176 ? 6   LEU B HD21 1 
ATOM   259 H  HD22 . LEU B 1 6  ? 3.88487   -4.47340 5.61916  1.000 34.82176 ? 6   LEU B HD22 1 
ATOM   260 H  HD23 . LEU B 1 6  ? 2.37907   -4.63537 6.09908  1.000 34.82176 ? 6   LEU B HD23 1 
ATOM   261 N  N    . HIS B 1 7  ? 1.48259   -0.41856 3.27822  1.000 12.01947 ? 7   HIS B N    1 
ATOM   262 C  CA   . HIS B 1 7  ? 1.62679   0.91018  2.71072  1.000 13.92600 ? 7   HIS B CA   1 
ATOM   263 C  C    . HIS B 1 7  ? 1.98042   1.93114  3.78376  1.000 12.76976 ? 7   HIS B C    1 
ATOM   264 O  O    . HIS B 1 7  ? 2.73224   2.87366  3.50437  1.000 13.46620 ? 7   HIS B O    1 
ATOM   265 C  CB   . HIS B 1 7  ? 0.40041   1.26948  1.87123  1.000 13.21202 ? 7   HIS B CB   1 
ATOM   266 C  CG   . HIS B 1 7  ? -0.44301  2.38556  2.40552  1.000 10.88472 ? 7   HIS B CG   1 
ATOM   267 N  ND1  . HIS B 1 7  ? -1.35893  2.22108  3.42409  1.000 16.19030 ? 7   HIS B ND1  1 
ATOM   268 C  CD2  . HIS B 1 7  ? -0.55657  3.67318  2.00905  1.000 11.47940 ? 7   HIS B CD2  1 
ATOM   269 C  CE1  . HIS B 1 7  ? -1.98535  3.36320  3.64301  1.000 15.68953 ? 7   HIS B CE1  1 
ATOM   270 N  NE2  . HIS B 1 7  ? -1.51856  4.26054  2.79810  1.000 14.25716 ? 7   HIS B NE2  1 
ATOM   271 H  H    . HIS B 1 7  ? 0.69949   -0.76866 3.22102  1.000 14.45257 ? 7   HIS B H    1 
ATOM   272 H  HA   . HIS B 1 7  ? 2.36537   0.93252  2.08207  1.000 16.74040 ? 7   HIS B HA   1 
ATOM   273 H  HB2  . HIS B 1 7  ? 0.70205   1.53267  0.98820  1.000 15.88362 ? 7   HIS B HB2  1 
ATOM   274 H  HB3  . HIS B 1 7  ? -0.16602  0.48479  1.80788  1.000 15.88362 ? 7   HIS B HB3  1 
ATOM   275 H  HD1  . HIS B 1 7  ? -1.50005  1.48774  3.85065  1.000 19.45756 ? 7   HIS B HD1  1 
ATOM   276 H  HD2  . HIS B 1 7  ? -0.07293  4.08468  1.32932  1.000 13.80449 ? 7   HIS B HD2  1 
ATOM   277 H  HE1  . HIS B 1 7  ? -2.64288  3.50975  4.28407  1.000 18.85664 ? 7   HIS B HE1  1 
ATOM   278 N  N    . LEU B 1 8  ? 1.53983   1.73421  5.02887  1.000 11.07024 ? 8   LEU B N    1 
ATOM   279 C  CA   . LEU B 1 8  ? 1.97326   2.62019  6.12361  1.000 13.20805 ? 8   LEU B CA   1 
ATOM   280 C  C    . LEU B 1 8  ? 3.43464   2.39034  6.46567  1.000 14.47301 ? 8   LEU B C    1 
ATOM   281 O  O    . LEU B 1 8  ? 4.17903   3.35215  6.67430  1.000 15.31003 ? 8   LEU B O    1 
ATOM   282 C  CB   . LEU B 1 8  ? 1.14779   2.37673  7.37206  1.000 17.29888 ? 8   LEU B CB   1 
ATOM   283 C  CG   . LEU B 1 8  ? -0.29457  2.86051  7.33288  1.000 25.37135 ? 8   LEU B CG   1 
ATOM   284 C  CD1  . LEU B 1 8  ? -0.93541  2.64801  8.71458  1.000 24.39945 ? 8   LEU B CD1  1 
ATOM   285 C  CD2  . LEU B 1 8  ? -0.40841  4.29714  6.88668  1.000 29.32320 ? 8   LEU B CD2  1 
ATOM   286 H  H    . LEU B 1 8  ? 0.99925   1.10841  5.26425  1.000 13.31349 ? 8   LEU B H    1 
ATOM   287 H  HA   . LEU B 1 8  ? 1.85146   3.53802  5.83488  1.000 15.87886 ? 8   LEU B HA   1 
ATOM   288 H  HB2  . LEU B 1 8  ? 1.12392   1.42136  7.53633  1.000 20.78786 ? 8   LEU B HB2  1 
ATOM   289 H  HB3  . LEU B 1 8  ? 1.58066   2.83016  8.11277  1.000 20.78786 ? 8   LEU B HB3  1 
ATOM   290 H  HG   . LEU B 1 8  ? -0.78302  2.34299  6.67232  1.000 30.47482 ? 8   LEU B HG   1 
ATOM   291 H  HD11 . LEU B 1 8  ? -1.83510  3.01150  8.70431  1.000 29.30854 ? 8   LEU B HD11 1 
ATOM   292 H  HD12 . LEU B 1 8  ? -0.96553  1.69798  8.90597  1.000 29.30854 ? 8   LEU B HD12 1 
ATOM   293 H  HD13 . LEU B 1 8  ? -0.40176  3.10438  9.38377  1.000 29.30854 ? 8   LEU B HD13 1 
ATOM   294 H  HD21 . LEU B 1 8  ? -1.31786  4.60192  7.03100  1.000 35.21704 ? 8   LEU B HD21 1 
ATOM   295 H  HD22 . LEU B 1 8  ? 0.20836   4.83858  7.40383  1.000 35.21704 ? 8   LEU B HD22 1 
ATOM   296 H  HD23 . LEU B 1 8  ? -0.18669  4.35375  5.94390  1.000 35.21704 ? 8   LEU B HD23 1 
HETATM 297 N  N    . AIB B 1 9  ? 3.83636   1.12346  6.54719  1.000 14.88821 ? 9   AIB B N    1 
HETATM 298 C  CA   . AIB B 1 9  ? 5.20996   0.76046  6.85017  1.000 15.77744 ? 9   AIB B CA   1 
HETATM 299 C  C    . AIB B 1 9  ? 6.22448   1.37019  5.86682  1.000 15.23609 ? 9   AIB B C    1 
HETATM 300 O  O    . AIB B 1 9  ? 7.31891   1.81478  6.20256  1.000 15.93910 ? 9   AIB B O    1 
HETATM 301 C  CB1  . AIB B 1 9  ? 5.59443   1.25863  8.25487  1.000 17.31247 ? 9   AIB B CB1  1 
HETATM 302 C  CB2  . AIB B 1 9  ? 5.43230   -0.76392 6.74561  1.000 15.75752 ? 9   AIB B CB2  1 
HETATM 303 H  H    . AIB B 1 9  ? 3.37612   0.35944  6.09348  1.000 17.89505 ? 9   AIB B H    1 
HETATM 304 H  HB11 . AIB B 1 9  ? 6.55709   0.78874  8.57070  1.000 20.80417 ? 9   AIB B HB11 1 
HETATM 305 H  HB12 . AIB B 1 9  ? 5.71435   2.36877  8.24185  1.000 20.80417 ? 9   AIB B HB12 1 
HETATM 306 H  HB13 . AIB B 1 9  ? 4.79568   0.98412  8.98388  1.000 20.80417 ? 9   AIB B HB13 1 
HETATM 307 H  HB21 . AIB B 1 9  ? 6.42079   -1.01950 7.19801  1.000 18.93822 ? 9   AIB B HB21 1 
HETATM 308 H  HB22 . AIB B 1 9  ? 4.61465   -1.28982 7.29485  1.000 18.93822 ? 9   AIB B HB22 1 
HETATM 309 H  HB23 . AIB B 1 9  ? 5.41889   -1.06139 5.66903  1.000 18.93822 ? 9   AIB B HB23 1 
ATOM   310 N  N    . LEU B 1 10 ? 5.83739   1.39051  4.59885  1.000 14.27838 ? 10  LEU B N    1 
ATOM   311 C  CA   . LEU B 1 10 ? 6.73657   1.87254  3.54549  1.000 14.10340 ? 10  LEU B CA   1 
ATOM   312 C  C    . LEU B 1 10 ? 6.79145   3.39297  3.46374  1.000 14.46809 ? 10  LEU B C    1 
ATOM   313 O  O    . LEU B 1 10 ? 7.73653   3.94827  2.86438  1.000 15.82812 ? 10  LEU B O    1 
ATOM   314 C  CB   . LEU B 1 10 ? 6.31591   1.30179  2.19934  1.000 15.09636 ? 10  LEU B CB   1 
ATOM   315 C  CG   . LEU B 1 10 ? 6.50674   -0.20774 2.11212  1.000 19.10526 ? 10  LEU B CG   1 
ATOM   316 C  CD1  . LEU B 1 10 ? 5.98053   -0.75304 0.77717  1.000 20.18753 ? 10  LEU B CD1  1 
ATOM   317 C  CD2  . LEU B 1 10 ? 7.95722   -0.55625 2.31558  1.000 23.02679 ? 10  LEU B CD2  1 
ATOM   318 H  H    . LEU B 1 10 ? 5.06550   1.13343  4.31931  1.000 17.16325 ? 10  LEU B H    1 
ATOM   319 H  HA   . LEU B 1 10 ? 7.63360   1.56990  3.75818  1.000 16.95328 ? 10  LEU B HA   1 
ATOM   320 H  HB2  . LEU B 1 10 ? 5.37679   1.49538  2.05603  1.000 18.14484 ? 10  LEU B HB2  1 
ATOM   321 H  HB3  . LEU B 1 10 ? 6.85059   1.71272  1.50253  1.000 18.14484 ? 10  LEU B HB3  1 
ATOM   322 H  HG   . LEU B 1 10 ? 5.99341   -0.63683 2.81462  1.000 22.95552 ? 10  LEU B HG   1 
ATOM   323 H  HD11 . LEU B 1 10 ? 6.11417   -1.71315 0.75352  1.000 24.25424 ? 10  LEU B HD11 1 
ATOM   324 H  HD12 . LEU B 1 10 ? 5.03471   -0.54940 0.70334  1.000 24.25424 ? 10  LEU B HD12 1 
ATOM   325 H  HD13 . LEU B 1 10 ? 6.46719   -0.33372 0.05107  1.000 24.25424 ? 10  LEU B HD13 1 
ATOM   326 H  HD21 . LEU B 1 10 ? 8.10745   -1.46828 2.01829  1.000 27.66135 ? 10  LEU B HD21 1 
ATOM   327 H  HD22 . LEU B 1 10 ? 8.50435   0.05499  1.79876  1.000 27.66135 ? 10  LEU B HD22 1 
ATOM   328 H  HD23 . LEU B 1 10 ? 8.17160   -0.47691 3.25819  1.000 27.66135 ? 10  LEU B HD23 1 
HETATM 329 N  N    . NH2 B 1 11 ? 5.77006   4.16065  4.10474  1.000 17.24136 ? 11  NH2 B N    1 
HETATM 330 H  HN1  . NH2 B 1 11 ? 5.86001   4.22101  4.98796  1.000 20.71884 ? 11  NH2 B HN1  1 
HETATM 331 H  HN2  . NH2 B 1 11 ? 6.35198   4.73807  3.76152  1.000 20.71884 ? 11  NH2 B HN2  1 
HETATM 332 CO CO   . CO  C 2 .  ? -6.11988  2.59768  2.34403  0.50  20.77743 ? 101 CO  A CO   1 
HETATM 333 CO CO   . CO  D 2 .  ? -2.20099  6.15863  2.74162  0.50  17.42808 ? 102 CO  A CO   1 
HETATM 334 C  C    . MOH E 3 .  ? 6.02752   5.39191  0.83661  1.000 58.93436 ? 101 MOH B C    1 
HETATM 335 O  O    . MOH E 3 .  ? 5.19014   6.27718  1.54886  1.000 60.74014 ? 101 MOH B O    1 
HETATM 336 H  H1   . MOH E 3 .  ? 6.15975   4.56612  1.31996  1.000 70.75043 ? 101 MOH B H1   1 
HETATM 337 H  H2   . MOH E 3 .  ? 6.87922   5.79102  0.61990  1.000 70.75043 ? 101 MOH B H2   1 
HETATM 338 H  H3   . MOH E 3 .  ? 5.55289   5.20702  0.02553  1.000 70.75043 ? 101 MOH B H3   1 
HETATM 339 H  HO   . MOH E 3 .  ? 4.41611   5.92736  1.56010  1.000 72.91737 ? 101 MOH B HO   1 
HETATM 340 O  O    . HOH F 4 .  ? -5.88426  -4.40444 -9.39794 1.000 25.45468 ? 201 HOH A O    1 
HETATM 341 O  O    . HOH F 4 .  ? -0.37577  7.96265  -5.22949 1.000 37.59763 ? 202 HOH A O    1 
HETATM 342 O  O    . HOH F 4 .  ? 3.04152   6.87176  -1.24249 1.000 16.17716 ? 203 HOH A O    1 
HETATM 343 O  O    . HOH F 4 .  ? 1.78758   9.25250  -1.29748 1.000 24.87030 ? 204 HOH A O    1 
HETATM 344 O  O    . HOH F 4 .  ? -0.44105  9.79706  -2.97236 1.000 46.05177 ? 205 HOH A O    1 
HETATM 345 O  O    . HOH G 4 .  ? 2.55599   5.94581  2.54080  1.000 52.30898 ? 201 HOH B O    1 
HETATM 346 O  O    . HOH G 4 .  ? -4.64726  -2.97200 8.15713  1.000 23.35657 ? 202 HOH B O    1 
HETATM 347 O  O    . HOH G 4 .  ? 3.14912   6.18978  7.10366  1.000 43.60176 ? 203 HOH B O    1 
HETATM 348 O  O    . HOH G 4 .  ? -5.69708  -4.00951 3.15621  1.000 18.20186 ? 204 HOH B O    1 
HETATM 349 O  O    . HOH G 4 .  ? 7.72446   3.30196  -0.17626 1.000 58.76326 ? 205 HOH B O    1 
HETATM 350 O  O    . HOH G 4 .  ? -7.72856  -3.07535 5.15714  1.000 33.61133 ? 206 HOH B O    1 
HETATM 351 O  O    . HOH G 4 .  ? -11.93286 -1.28408 3.46921  1.000 54.81426 ? 207 HOH B O    1 
HETATM 352 O  O    . HOH G 4 .  ? 5.13856   8.99595  8.63832  1.000 35.06315 ? 208 HOH B O    1 
HETATM 353 O  O    . HOH G 4 .  ? -10.71659 -3.59065 3.43153  1.000 49.65864 ? 209 HOH B O    1 
# 
loop_
_atom_site_anisotrop.id 
_atom_site_anisotrop.type_symbol 
_atom_site_anisotrop.pdbx_label_atom_id 
_atom_site_anisotrop.pdbx_label_alt_id 
_atom_site_anisotrop.pdbx_label_comp_id 
_atom_site_anisotrop.pdbx_label_asym_id 
_atom_site_anisotrop.pdbx_label_seq_id 
_atom_site_anisotrop.pdbx_PDB_ins_code 
_atom_site_anisotrop.U[1][1] 
_atom_site_anisotrop.U[2][2] 
_atom_site_anisotrop.U[3][3] 
_atom_site_anisotrop.U[1][2] 
_atom_site_anisotrop.U[1][3] 
_atom_site_anisotrop.U[2][3] 
_atom_site_anisotrop.pdbx_auth_seq_id 
_atom_site_anisotrop.pdbx_auth_comp_id 
_atom_site_anisotrop.pdbx_auth_asym_id 
_atom_site_anisotrop.pdbx_auth_atom_id 
1   C  C   . ACE A 1  ? 0.19249 0.23573 0.07960 -0.00649 -0.00885 -0.01399 1   ACE A C   
2   O  O   . ACE A 1  ? 0.15499 0.29055 0.14102 -0.04625 0.00994  -0.00861 1   ACE A O   
7   N  N   . LEU A 2  ? 0.17791 0.21407 0.07247 -0.04623 0.00790  -0.02784 2   LEU A N   
8   C  CA  . LEU A 2  ? 0.17547 0.25829 0.10547 -0.08260 0.04236  -0.05623 2   LEU A CA  
9   C  C   . LEU A 2  ? 0.19225 0.23156 0.12897 -0.07500 0.04708  0.00159  2   LEU A C   
10  O  O   . LEU A 2  ? 0.16755 0.19107 0.14957 -0.09168 0.05330  -0.01171 2   LEU A O   
11  C  CB  . LEU A 2  ? 0.15283 0.31634 0.11631 -0.06780 0.02294  -0.06727 2   LEU A CB  
12  C  CG  . LEU A 2  ? 0.19381 0.30736 0.18089 -0.06471 0.07872  -0.04823 2   LEU A CG  
13  C  CD1 . LEU A 2  ? 0.24097 0.34987 0.18124 -0.07350 0.05770  -0.12299 2   LEU A CD1 
14  C  CD2 . LEU A 2  ? 0.18952 0.31951 0.28989 -0.05913 0.06554  -0.05600 2   LEU A CD2 
26  N  N   . AIB A 3  ? 0.15265 0.23345 0.09393 -0.05349 -0.00080 0.01898  3   AIB A N   
27  C  CA  . AIB A 3  ? 0.14668 0.26304 0.14283 -0.06394 -0.00871 0.03751  3   AIB A CA  
28  C  C   . AIB A 3  ? 0.12765 0.21241 0.17185 -0.06451 0.03487  0.04945  3   AIB A C   
29  O  O   . AIB A 3  ? 0.12360 0.20433 0.10834 -0.08727 -0.01360 0.03055  3   AIB A O   
30  C  CB1 . AIB A 3  ? 0.17654 0.25402 0.17027 -0.00375 -0.04145 0.05629  3   AIB A CB1 
31  C  CB2 . AIB A 3  ? 0.13482 0.28018 0.09068 -0.09156 -0.01963 0.03777  3   AIB A CB2 
39  N  N   . GLU A 4  ? 0.16472 0.18509 0.15758 -0.08131 0.03859  0.03456  4   GLU A N   
40  C  CA  . GLU A 4  ? 0.16583 0.15148 0.18387 -0.07874 0.02986  0.04020  4   GLU A CA  
41  C  C   . GLU A 4  ? 0.20031 0.24734 0.18500 -0.02885 -0.02070 0.01260  4   GLU A C   
42  O  O   . GLU A 4  ? 0.15501 0.22282 0.17684 -0.04625 0.00822  0.05099  4   GLU A O   
43  C  CB  . GLU A 4  ? 0.21470 0.21401 0.26207 -0.06793 0.04146  -0.01979 4   GLU A CB  
44  C  CG  . GLU A 4  ? 0.32736 0.30809 0.27014 -0.02093 0.12129  -0.01638 4   GLU A CG  
45  C  CD  . GLU A 4  ? 0.29518 0.25919 0.31338 -0.02794 0.14311  -0.03013 4   GLU A CD  
46  O  OE1 . GLU A 4  ? 0.30919 0.20738 0.22876 0.06384  0.07773  -0.00076 4   GLU A OE1 
47  O  OE2 . GLU A 4  ? 0.25470 0.22544 0.37589 -0.01352 0.13355  0.01033  4   GLU A OE2 
54  N  N   . AIB A 5  ? 0.20243 0.21571 0.09667 -0.09158 -0.03547 -0.00100 5   AIB A N   
55  C  CA  . AIB A 5  ? 0.17993 0.25838 0.13201 -0.11550 -0.01757 0.02164  5   AIB A CA  
56  C  C   . AIB A 5  ? 0.24532 0.36755 0.17879 -0.14499 0.03449  -0.09753 5   AIB A C   
57  O  O   . AIB A 5  ? 0.21182 0.28107 0.17815 -0.14184 0.01755  -0.00107 5   AIB A O   
58  C  CB1 . AIB A 5  ? 0.25968 0.25160 0.30008 -0.07288 0.07892  0.09450  5   AIB A CB1 
59  C  CB2 . AIB A 5  ? 0.28712 0.24626 0.11620 -0.10395 0.03229  0.02403  5   AIB A CB2 
67  N  N   A LEU A 6  ? 0.18440 0.47582 0.21010 -0.10911 0.05159  -0.14328 6   LEU A N   
68  N  N   B LEU A 6  ? 0.27349 0.47713 0.28882 -0.16142 0.11302  -0.16428 6   LEU A N   
69  C  CA  A LEU A 6  ? 0.28864 0.48327 0.41444 -0.16938 0.12029  -0.20720 6   LEU A CA  
70  C  CA  B LEU A 6  ? 0.36274 0.54263 0.40802 -0.14873 0.17925  -0.19396 6   LEU A CA  
71  C  C   A LEU A 6  ? 0.21329 0.36462 0.39550 -0.07067 -0.02873 -0.17091 6   LEU A C   
72  C  C   B LEU A 6  ? 0.30567 0.40004 0.37750 -0.07957 0.08314  -0.13020 6   LEU A C   
73  O  O   A LEU A 6  ? 0.20887 0.28950 0.34496 -0.05885 -0.07549 -0.11566 6   LEU A O   
74  O  O   B LEU A 6  ? 0.29910 0.45407 0.42636 -0.06614 0.08553  -0.13769 6   LEU A O   
75  C  CB  A LEU A 6  ? 0.38894 0.58224 0.51650 -0.15660 0.16693  -0.20276 6   LEU A CB  
76  C  CB  B LEU A 6  ? 0.47035 0.72676 0.53539 -0.14634 0.22850  -0.25284 6   LEU A CB  
77  C  CG  A LEU A 6  ? 0.48352 0.60158 0.61072 -0.12610 0.21549  -0.15424 6   LEU A CG  
78  C  CG  B LEU A 6  ? 0.58959 0.82042 0.62087 -0.13957 0.30501  -0.24156 6   LEU A CG  
79  C  CD1 A LEU A 6  ? 0.52953 0.61087 0.67758 -0.10489 0.26610  -0.12221 6   LEU A CD1 
80  C  CD1 B LEU A 6  ? 0.67682 0.87745 0.65772 -0.10146 0.31763  -0.26193 6   LEU A CD1 
81  C  CD2 A LEU A 6  ? 0.55514 0.59823 0.63602 -0.10193 0.22970  -0.14100 6   LEU A CD2 
82  C  CD2 B LEU A 6  ? 0.61326 0.82452 0.64460 -0.16088 0.33116  -0.22488 6   LEU A CD2 
105 N  N   . HIS A 7  ? 0.16274 0.18955 0.25150 -0.05587 -0.01906 -0.01548 7   HIS A N   
106 C  CA  . HIS A 7  ? 0.09371 0.19382 0.17671 -0.03578 -0.03224 0.02062  7   HIS A CA  
107 C  C   . HIS A 7  ? 0.14297 0.18027 0.12474 -0.05496 0.03547  0.04730  7   HIS A C   
108 O  O   . HIS A 7  ? 0.16239 0.20161 0.15451 -0.03752 0.04166  0.03921  7   HIS A O   
109 C  CB  . HIS A 7  ? 0.16071 0.21307 0.07394 -0.04764 -0.03369 0.00093  7   HIS A CB  
110 C  CG  . HIS A 7  ? 0.19086 0.21915 0.17571 -0.05378 -0.03137 -0.04725 7   HIS A CG  
111 N  ND1 . HIS A 7  ? 0.21043 0.20596 0.21919 -0.08429 0.02527  -0.07089 7   HIS A ND1 
112 C  CD2 . HIS A 7  ? 0.23404 0.14246 0.17254 -0.01756 -0.03918 -0.02502 7   HIS A CD2 
113 C  CE1 . HIS A 7  ? 0.29017 0.11883 0.25365 -0.07175 0.07573  -0.01703 7   HIS A CE1 
114 N  NE2 . HIS A 7  ? 0.28052 0.17214 0.19158 -0.05574 0.01712  -0.05207 7   HIS A NE2 
122 N  N   . LEU A 8  ? 0.15795 0.16963 0.09736 -0.01704 -0.00180 0.02256  8   LEU A N   
123 C  CA  . LEU A 8  ? 0.15265 0.13773 0.17915 -0.05567 0.01370  -0.00434 8   LEU A CA  
124 C  C   . LEU A 8  ? 0.14211 0.15287 0.13147 -0.05187 -0.04116 -0.01033 8   LEU A C   
125 O  O   . LEU A 8  ? 0.15046 0.21924 0.13433 -0.04726 -0.05722 -0.01802 8   LEU A O   
126 C  CB  . LEU A 8  ? 0.29683 0.18696 0.25390 -0.04116 0.05047  -0.05891 8   LEU A CB  
127 C  CG  . LEU A 8  ? 0.41044 0.14426 0.31460 -0.05525 0.15323  -0.02752 8   LEU A CG  
128 C  CD1 . LEU A 8  ? 0.39207 0.17912 0.38255 -0.02921 0.07600  -0.11228 8   LEU A CD1 
129 C  CD2 . LEU A 8  ? 0.36174 0.26708 0.28432 -0.06357 0.16178  -0.09639 8   LEU A CD2 
141 N  N   . AIB A 9  ? 0.15082 0.19743 0.12661 -0.05127 -0.00845 0.00242  9   AIB A N   
142 C  CA  . AIB A 9  ? 0.14644 0.15998 0.16710 -0.08638 0.03325  -0.00476 9   AIB A CA  
143 C  C   . AIB A 9  ? 0.16187 0.14889 0.10729 -0.08403 -0.00054 -0.02896 9   AIB A C   
144 O  O   . AIB A 9  ? 0.13647 0.24699 0.09342 -0.08024 -0.00486 -0.03176 9   AIB A O   
145 C  CB1 . AIB A 9  ? 0.15033 0.15977 0.16962 -0.06327 -0.03753 -0.01176 9   AIB A CB1 
146 C  CB2 . AIB A 9  ? 0.25096 0.18901 0.15759 -0.07851 0.04898  -0.07694 9   AIB A CB2 
154 N  N   . LEU A 10 ? 0.17146 0.18312 0.11542 -0.06332 0.02789  -0.02789 10  LEU A N   
155 C  CA  . LEU A 10 ? 0.18453 0.14881 0.11565 -0.06809 0.01319  0.01472  10  LEU A CA  
156 C  C   . LEU A 10 ? 0.20518 0.26798 0.15789 -0.08156 -0.00128 -0.02197 10  LEU A C   
157 O  O   . LEU A 10 ? 0.20779 0.25993 0.17785 -0.06542 -0.00640 0.01131  10  LEU A O   
158 C  CB  . LEU A 10 ? 0.18625 0.15587 0.11122 -0.02128 -0.00567 0.03317  10  LEU A CB  
159 C  CG  . LEU A 10 ? 0.21838 0.20534 0.20094 -0.03041 0.07661  0.01874  10  LEU A CG  
160 C  CD1 . LEU A 10 ? 0.23004 0.26920 0.26607 0.04017  0.02447  0.02970  10  LEU A CD1 
161 C  CD2 . LEU A 10 ? 0.29908 0.29446 0.25220 0.01691  0.04075  -0.08794 10  LEU A CD2 
173 N  N   . NH2 A 11 ? 0.29260 0.19046 0.20011 -0.08943 0.03268  0.00442  11  NH2 A N   
176 C  C   . ACE B 1  ? 0.21048 0.23374 0.13577 -0.07975 -0.05159 0.03933  1   ACE B C   
177 O  O   . ACE B 1  ? 0.22311 0.19669 0.15904 -0.11568 -0.05353 0.02751  1   ACE B O   
178 C  CH3 . ACE B 1  ? 0.16828 0.18938 0.15104 -0.04989 -0.03169 0.05787  1   ACE B CH3 
182 N  N   . LEU B 2  ? 0.15973 0.24501 0.15273 -0.04776 -0.07640 0.06026  2   LEU B N   
183 C  CA  . LEU B 2  ? 0.15262 0.25734 0.19557 -0.08452 -0.02052 0.04743  2   LEU B CA  
184 C  C   . LEU B 2  ? 0.15168 0.23255 0.15705 -0.07795 -0.03450 0.06606  2   LEU B C   
185 O  O   . LEU B 2  ? 0.16607 0.22739 0.23874 -0.07039 -0.01417 0.05849  2   LEU B O   
186 C  CB  . LEU B 2  ? 0.20257 0.22586 0.29528 -0.05779 0.00843  0.01998  2   LEU B CB  
187 C  CG  . LEU B 2  ? 0.24174 0.17713 0.33261 -0.03745 0.01944  0.02624  2   LEU B CG  
188 C  CD1 . LEU B 2  ? 0.13312 0.31188 0.27542 0.00377  -0.05626 -0.01730 2   LEU B CD1 
189 C  CD2 . LEU B 2  ? 0.39866 0.27193 0.35902 0.02365  0.08580  0.02397  2   LEU B CD2 
201 N  N   . AIB B 3  ? 0.20987 0.19539 0.15113 -0.10273 -0.02280 0.04916  3   AIB B N   
202 C  CA  . AIB B 3  ? 0.20240 0.26955 0.13836 -0.07184 -0.06282 0.01974  3   AIB B CA  
203 C  C   . AIB B 3  ? 0.16900 0.19357 0.11690 -0.07204 -0.06228 0.05933  3   AIB B C   
204 O  O   . AIB B 3  ? 0.12687 0.18099 0.17314 -0.08202 -0.01438 0.04375  3   AIB B O   
205 C  CB1 . AIB B 3  ? 0.28104 0.25349 0.20931 -0.05126 0.01008  0.01876  3   AIB B CB1 
206 C  CB2 . AIB B 3  ? 0.20385 0.20377 0.16581 -0.11325 -0.04039 0.06171  3   AIB B CB2 
214 N  N   . GLU B 4  ? 0.19965 0.20275 0.15878 -0.06825 -0.00682 0.05462  4   GLU B N   
215 C  CA  . GLU B 4  ? 0.31180 0.20588 0.18752 -0.06660 0.07722  0.05952  4   GLU B CA  
216 C  C   . GLU B 4  ? 0.27606 0.23303 0.14759 -0.12149 0.04737  0.01553  4   GLU B C   
217 O  O   . GLU B 4  ? 0.22361 0.22526 0.13063 -0.11499 0.01483  0.03209  4   GLU B O   
218 C  CB  . GLU B 4  ? 0.24676 0.26709 0.20583 -0.09503 0.05574  -0.01043 4   GLU B CB  
219 C  CG  . GLU B 4  ? 0.35854 0.29860 0.25222 -0.04400 0.09028  -0.06520 4   GLU B CG  
220 C  CD  . GLU B 4  ? 0.31019 0.22522 0.26077 -0.00776 0.11429  0.00237  4   GLU B CD  
221 O  OE1 . GLU B 4  ? 0.18927 0.32704 0.22976 0.02651  0.05495  -0.03239 4   GLU B OE1 
222 O  OE2 . GLU B 4  ? 0.32421 0.23192 0.26472 -0.08748 0.15779  -0.02878 4   GLU B OE2 
229 N  N   . AIB B 5  ? 0.28855 0.22356 0.11228 -0.13689 -0.02035 -0.00167 5   AIB B N   
230 C  CA  . AIB B 5  ? 0.33324 0.25711 0.17714 -0.11512 0.00393  -0.01053 5   AIB B CA  
231 C  C   . AIB B 5  ? 0.31145 0.24736 0.19433 -0.06995 -0.02475 0.01118  5   AIB B C   
232 O  O   . AIB B 5  ? 0.25818 0.23046 0.14518 -0.12918 -0.02121 -0.02503 5   AIB B O   
233 C  CB1 . AIB B 5  ? 0.37726 0.25094 0.25023 -0.17118 0.07196  -0.03348 5   AIB B CB1 
234 C  CB2 . AIB B 5  ? 0.27497 0.24161 0.15101 -0.07679 -0.04617 0.02787  5   AIB B CB2 
242 N  N   . LEU B 6  ? 0.25204 0.18808 0.25336 -0.04963 -0.09163 0.00252  6   LEU B N   
243 C  CA  . LEU B 6  ? 0.19709 0.19435 0.31708 -0.02997 -0.07675 0.01808  6   LEU B CA  
244 C  C   . LEU B 6  ? 0.15690 0.21302 0.16145 -0.00956 -0.09501 0.00152  6   LEU B C   
245 O  O   . LEU B 6  ? 0.15305 0.18017 0.22774 -0.03861 -0.08202 -0.04411 6   LEU B O   
246 C  CB  . LEU B 6  ? 0.17477 0.18670 0.36454 -0.04828 -0.08596 -0.00457 6   LEU B CB  
247 C  CG  . LEU B 6  ? 0.34989 0.22654 0.38076 0.05269  -0.04741 0.01615  6   LEU B CG  
248 C  CD1 . LEU B 6  ? 0.44721 0.23453 0.40296 0.06424  -0.00376 -0.02313 6   LEU B CD1 
249 C  CD2 . LEU B 6  ? 0.39920 0.26516 0.43728 0.08269  -0.03913 -0.00534 6   LEU B CD2 
261 N  N   . HIS B 7  ? 0.18276 0.16680 0.10713 -0.05476 -0.04180 0.03273  7   HIS B N   
262 C  CA  . HIS B 7  ? 0.17557 0.22764 0.12592 -0.04209 -0.01002 0.00676  7   HIS B CA  
263 C  C   . HIS B 7  ? 0.15045 0.19111 0.14362 -0.06170 0.01869  0.02529  7   HIS B C   
264 O  O   . HIS B 7  ? 0.20249 0.20553 0.10363 -0.07004 0.03391  -0.01641 7   HIS B O   
265 C  CB  . HIS B 7  ? 0.16553 0.21038 0.12609 -0.04995 -0.02713 -0.06297 7   HIS B CB  
266 C  CG  . HIS B 7  ? 0.10584 0.20726 0.10048 -0.04954 -0.02774 -0.02403 7   HIS B CG  
267 N  ND1 . HIS B 7  ? 0.19445 0.17032 0.25040 -0.05835 0.05305  -0.04811 7   HIS B ND1 
268 C  CD2 . HIS B 7  ? 0.13334 0.19788 0.10495 -0.02079 -0.00529 0.01937  7   HIS B CD2 
269 C  CE1 . HIS B 7  ? 0.14458 0.22642 0.22512 -0.04304 0.04513  -0.04609 7   HIS B CE1 
270 N  NE2 . HIS B 7  ? 0.21239 0.18390 0.14542 -0.03403 0.04183  -0.00529 7   HIS B NE2 
278 N  N   . LEU B 8  ? 0.12260 0.12334 0.17468 -0.07350 0.00195  0.00608  8   LEU B N   
279 C  CA  . LEU B 8  ? 0.13771 0.18281 0.18131 -0.08892 0.02217  0.01299  8   LEU B CA  
280 C  C   . LEU B 8  ? 0.15949 0.24415 0.14626 -0.11307 0.00324  0.00475  8   LEU B C   
281 O  O   . LEU B 8  ? 0.20289 0.24402 0.13479 -0.09408 -0.00643 -0.01342 8   LEU B O   
282 C  CB  . LEU B 8  ? 0.20102 0.25362 0.20264 -0.09281 0.08342  0.00618  8   LEU B CB  
283 C  CG  . LEU B 8  ? 0.34385 0.31332 0.30682 -0.07220 0.18214  -0.01224 8   LEU B CG  
284 C  CD1 . LEU B 8  ? 0.33730 0.38864 0.20113 -0.00512 0.13903  -0.04421 8   LEU B CD1 
285 C  CD2 . LEU B 8  ? 0.39896 0.29356 0.42164 -0.08477 0.19766  -0.05256 8   LEU B CD2 
297 N  N   . AIB B 9  ? 0.16207 0.24024 0.16337 -0.06536 0.00884  0.06154  9   AIB B N   
298 C  CA  . AIB B 9  ? 0.21747 0.21566 0.16633 -0.03075 0.02910  0.10175  9   AIB B CA  
299 C  C   . AIB B 9  ? 0.18918 0.25075 0.13897 -0.03464 -0.03532 0.07614  9   AIB B C   
300 O  O   . AIB B 9  ? 0.20137 0.23498 0.16927 -0.04808 -0.04304 0.05835  9   AIB B O   
301 C  CB1 . AIB B 9  ? 0.20391 0.32195 0.13194 -0.05127 0.01520  0.07100  9   AIB B CB1 
302 C  CB2 . AIB B 9  ? 0.14363 0.25103 0.20405 -0.03386 -0.01820 0.08302  9   AIB B CB2 
310 N  N   . LEU B 10 ? 0.13920 0.22636 0.17695 -0.06436 -0.01744 0.05667  10  LEU B N   
311 C  CA  . LEU B 10 ? 0.16634 0.19713 0.17240 -0.09825 0.01857  0.03114  10  LEU B CA  
312 C  C   . LEU B 10 ? 0.14777 0.25477 0.14717 -0.09472 0.02184  0.02589  10  LEU B C   
313 O  O   . LEU B 10 ? 0.20277 0.25640 0.14223 -0.10391 0.01877  -0.00151 10  LEU B O   
314 C  CB  . LEU B 10 ? 0.16597 0.25575 0.15187 -0.07938 -0.02473 -0.01508 10  LEU B CB  
315 C  CG  . LEU B 10 ? 0.30928 0.23912 0.17752 0.02420  -0.00240 0.04966  10  LEU B CG  
316 C  CD1 . LEU B 10 ? 0.33312 0.24093 0.19299 0.00521  -0.06449 -0.05517 10  LEU B CD1 
317 C  CD2 . LEU B 10 ? 0.32713 0.26544 0.28235 0.01216  0.07997  0.00740  10  LEU B CD2 
329 N  N   . NH2 B 11 ? 0.23086 0.21672 0.20750 -0.08633 0.01584  -0.02707 11  NH2 B N   
332 CO CO  . CO  C .  ? 0.26952 0.28703 0.23291 -0.00077 0.07985  -0.08296 101 CO  A CO  
333 CO CO  . CO  D .  ? 0.21871 0.22634 0.21714 0.00904  0.04254  -0.04524 102 CO  A CO  
334 C  C   . MOH E .  ? 0.96540 0.83975 0.43409 -0.50264 -0.11605 0.04059  101 MOH B C   
335 O  O   . MOH E .  ? 1.01720 0.83531 0.45534 -0.48384 -0.07234 0.07199  101 MOH B O   
340 O  O   . HOH F .  ? 0.31678 0.48397 0.16641 0.06744  -0.03005 -0.10409 201 HOH A O   
341 O  O   . HOH F .  ? 0.44062 0.55890 0.42902 -0.16882 -0.20502 0.22039  202 HOH A O   
342 O  O   . HOH F .  ? 0.12857 0.24478 0.24131 -0.07333 0.01149  -0.03601 203 HOH A O   
343 O  O   . HOH F .  ? 0.25251 0.36024 0.33222 -0.10699 0.10382  -0.16501 204 HOH A O   
344 O  O   . HOH F .  ? 0.43115 0.68460 0.63400 -0.21370 -0.12327 0.34614  205 HOH A O   
345 O  O   . HOH G .  ? 0.31170 0.80380 0.87200 -0.16669 0.13876  0.05115  201 HOH B O   
346 O  O   . HOH G .  ? 0.34955 0.35119 0.18670 -0.11055 0.05158  -0.03519 202 HOH B O   
347 O  O   . HOH G .  ? 0.29616 0.48317 0.87734 -0.11196 0.12711  -0.10903 203 HOH B O   
348 O  O   . HOH G .  ? 0.27606 0.22800 0.18752 -0.06179 -0.03064 0.00838  204 HOH B O   
349 O  O   . HOH G .  ? 0.77268 0.53705 0.92299 -0.22535 -0.24053 0.18946  205 HOH B O   
350 O  O   . HOH G .  ? 0.56384 0.24872 0.46452 0.03505  0.15638  -0.00315 206 HOH B O   
351 O  O   . HOH G .  ? 1.10083 0.58446 0.39741 -0.28841 0.22005  -0.03295 207 HOH B O   
352 O  O   . HOH G .  ? 0.50400 0.56632 0.26192 -0.12913 0.04846  -0.10110 208 HOH B O   
353 O  O   . HOH G .  ? 0.58599 0.66632 0.63449 -0.16602 0.02570  -0.01440 209 HOH B O   
# 
